data_7VMT
#
_entry.id   7VMT
#
_cell.length_a   82.913
_cell.length_b   82.499
_cell.length_c   148.866
_cell.angle_alpha   90.000
_cell.angle_beta   105.659
_cell.angle_gamma   90.000
#
_symmetry.space_group_name_H-M   'I 1 2 1'
#
loop_
_entity.id
_entity.type
_entity.pdbx_description
1 polymer 'Alpha-1,3-mannosyl-glycoprotein 4-beta-N-acetylglucosaminyltransferase A soluble form'
2 non-polymer 2-[BIS-(2-HYDROXY-ETHYL)-AMINO]-2-HYDROXYMETHYL-PROPANE-1,3-DIOL
3 water water
#
_entity_poly.entity_id   1
_entity_poly.type   'polypeptide(L)'
_entity_poly.pdbx_seq_one_letter_code
;GPLGNPPAEVSTSLKVYQGHTLEKTYMGEDFFWAITPTAGDYILFKFDKPVNVESYLFHSGNQEHPGAILLNTTVDVLPL
KSDSLEISKETKDKRLEDGYFRIGKFEYGVAEGIVDPGLNPISAFRLSVIQNSAVWAILNEIHIKKVTS
;
_entity_poly.pdbx_strand_id   A,B,C,D,E,F
#
loop_
_chem_comp.id
_chem_comp.type
_chem_comp.name
_chem_comp.formula
BTB non-polymer 2-[BIS-(2-HYDROXY-ETHYL)-AMINO]-2-HYDROXYMETHYL-PROPANE-1,3-DIOL 'C8 H19 N O5'
#
# COMPACT_ATOMS: atom_id res chain seq x y z
N GLY A 4 13.17 -37.22 -2.91
CA GLY A 4 12.81 -36.10 -2.04
C GLY A 4 12.83 -36.43 -0.56
N ASN A 5 12.30 -35.52 0.25
CA ASN A 5 12.22 -35.63 1.70
C ASN A 5 10.92 -36.32 2.12
N PRO A 6 10.88 -36.97 3.27
CA PRO A 6 9.63 -37.61 3.70
C PRO A 6 8.53 -36.58 3.86
N PRO A 7 7.32 -36.88 3.39
CA PRO A 7 6.22 -35.90 3.50
C PRO A 7 6.06 -35.41 4.93
N ALA A 8 6.01 -34.09 5.09
CA ALA A 8 5.99 -33.53 6.44
C ALA A 8 5.24 -32.20 6.42
N GLU A 9 4.67 -31.85 7.57
CA GLU A 9 4.25 -30.48 7.83
C GLU A 9 5.40 -29.72 8.46
N VAL A 10 5.70 -28.54 7.94
CA VAL A 10 6.85 -27.79 8.41
C VAL A 10 6.35 -26.48 9.01
N SER A 11 7.14 -25.93 9.93
CA SER A 11 6.74 -24.67 10.55
C SER A 11 7.95 -24.08 11.28
N THR A 12 7.84 -22.81 11.65
CA THR A 12 8.98 -22.13 12.24
C THR A 12 8.52 -20.83 12.89
N SER A 13 9.24 -20.41 13.92
CA SER A 13 8.99 -19.12 14.53
C SER A 13 9.66 -17.98 13.79
N LEU A 14 10.52 -18.29 12.80
CA LEU A 14 11.13 -17.25 11.96
C LEU A 14 10.13 -16.76 10.90
N LYS A 15 9.94 -15.45 10.83
CA LYS A 15 8.96 -14.88 9.93
C LYS A 15 9.41 -15.04 8.47
N VAL A 16 8.48 -15.47 7.62
CA VAL A 16 8.75 -15.64 6.19
C VAL A 16 9.15 -14.29 5.58
N TYR A 17 10.22 -14.29 4.78
CA TYR A 17 10.71 -13.07 4.14
C TYR A 17 10.45 -13.14 2.63
N GLN A 18 9.55 -12.30 2.15
CA GLN A 18 9.28 -12.15 0.72
C GLN A 18 8.97 -13.50 0.05
N GLY A 19 8.01 -14.22 0.65
CA GLY A 19 7.45 -15.41 0.04
C GLY A 19 8.34 -16.64 0.05
N HIS A 20 9.52 -16.57 0.67
CA HIS A 20 10.44 -17.70 0.77
C HIS A 20 9.96 -18.64 1.88
N THR A 21 8.88 -19.38 1.60
CA THR A 21 8.28 -20.24 2.61
C THR A 21 9.19 -21.42 2.93
N LEU A 22 9.11 -21.89 4.18
CA LEU A 22 9.82 -23.10 4.55
C LEU A 22 9.29 -24.30 3.77
N GLU A 23 7.98 -24.34 3.49
CA GLU A 23 7.40 -25.42 2.70
C GLU A 23 8.14 -25.59 1.38
N LYS A 24 8.30 -24.49 0.63
CA LYS A 24 9.01 -24.55 -0.64
C LYS A 24 10.44 -25.03 -0.48
N THR A 25 11.10 -24.68 0.63
CA THR A 25 12.47 -25.15 0.86
C THR A 25 12.50 -26.65 1.16
N TYR A 26 11.49 -27.15 1.88
CA TYR A 26 11.45 -28.58 2.19
C TYR A 26 11.12 -29.40 0.95
N MET A 27 10.43 -28.79 -0.03
CA MET A 27 10.14 -29.44 -1.30
C MET A 27 11.24 -29.24 -2.33
N GLY A 28 12.38 -28.64 -1.94
CA GLY A 28 13.52 -28.45 -2.82
C GLY A 28 13.40 -27.34 -3.84
N GLU A 29 12.37 -26.50 -3.74
CA GLU A 29 12.07 -25.49 -4.76
C GLU A 29 12.83 -24.17 -4.56
N ASP A 30 12.87 -23.65 -3.33
CA ASP A 30 13.48 -22.35 -3.05
C ASP A 30 14.24 -22.41 -1.74
N PHE A 31 15.00 -21.36 -1.45
CA PHE A 31 15.68 -21.28 -0.17
C PHE A 31 14.80 -20.54 0.85
N PHE A 32 15.22 -20.59 2.11
CA PHE A 32 14.49 -19.98 3.22
C PHE A 32 15.37 -18.93 3.88
N TRP A 33 14.87 -17.69 3.97
CA TRP A 33 15.55 -16.65 4.74
C TRP A 33 15.22 -16.80 6.24
N ALA A 34 16.25 -16.90 7.06
CA ALA A 34 16.14 -16.93 8.51
C ALA A 34 16.82 -15.66 9.01
N ILE A 35 16.03 -14.60 9.13
CA ILE A 35 16.57 -13.28 9.42
C ILE A 35 16.82 -13.14 10.91
N THR A 36 18.08 -12.88 11.26
CA THR A 36 18.61 -12.63 12.61
C THR A 36 17.95 -13.56 13.62
N PRO A 37 18.33 -14.85 13.61
CA PRO A 37 17.72 -15.80 14.55
C PRO A 37 18.03 -15.44 16.00
N THR A 38 17.04 -15.68 16.87
CA THR A 38 17.16 -15.40 18.30
C THR A 38 17.08 -16.70 19.09
N ALA A 39 17.68 -16.68 20.28
CA ALA A 39 17.61 -17.83 21.17
C ALA A 39 16.15 -18.21 21.46
N GLY A 40 15.79 -19.47 21.23
CA GLY A 40 14.42 -19.91 21.31
C GLY A 40 13.73 -20.12 19.98
N ASP A 41 14.19 -19.46 18.92
CA ASP A 41 13.69 -19.75 17.58
C ASP A 41 13.85 -21.24 17.28
N TYR A 42 12.99 -21.74 16.41
CA TYR A 42 13.01 -23.14 16.02
C TYR A 42 12.53 -23.28 14.58
N ILE A 43 12.96 -24.38 13.96
CA ILE A 43 12.47 -24.84 12.67
C ILE A 43 12.05 -26.30 12.84
N LEU A 44 10.82 -26.62 12.48
CA LEU A 44 10.20 -27.88 12.85
C LEU A 44 9.74 -28.62 11.60
N PHE A 45 10.05 -29.90 11.55
CA PHE A 45 9.63 -30.81 10.49
C PHE A 45 8.89 -31.98 11.15
N LYS A 46 7.57 -32.05 10.97
CA LYS A 46 6.72 -33.05 11.59
C LYS A 46 6.29 -34.02 10.50
N PHE A 47 6.86 -35.22 10.52
CA PHE A 47 6.60 -36.13 9.41
C PHE A 47 5.15 -36.59 9.39
N ASP A 48 4.61 -36.78 8.19
CA ASP A 48 3.21 -37.20 8.08
C ASP A 48 3.01 -38.57 8.73
N LYS A 49 3.96 -39.49 8.52
CA LYS A 49 4.05 -40.73 9.26
C LYS A 49 5.45 -40.84 9.85
N PRO A 50 5.62 -41.54 10.97
CA PRO A 50 6.97 -41.73 11.52
C PRO A 50 7.89 -42.31 10.45
N VAL A 51 9.15 -41.91 10.51
CA VAL A 51 10.12 -42.21 9.47
C VAL A 51 11.30 -42.92 10.11
N ASN A 52 11.70 -44.06 9.54
CA ASN A 52 12.96 -44.70 9.93
C ASN A 52 14.07 -43.95 9.22
N VAL A 53 14.81 -43.12 9.96
CA VAL A 53 15.75 -42.17 9.38
C VAL A 53 17.15 -42.74 9.45
N GLU A 54 17.89 -42.65 8.33
CA GLU A 54 19.28 -43.07 8.26
C GLU A 54 20.22 -41.90 8.52
N SER A 55 20.02 -40.79 7.81
CA SER A 55 20.95 -39.67 7.93
C SER A 55 20.24 -38.37 7.54
N TYR A 56 20.88 -37.25 7.92
CA TYR A 56 20.32 -35.92 7.70
C TYR A 56 21.41 -34.98 7.22
N LEU A 57 21.01 -34.02 6.38
CA LEU A 57 21.88 -32.94 5.91
C LEU A 57 21.08 -31.66 5.76
N PHE A 58 21.52 -30.62 6.48
CA PHE A 58 21.02 -29.25 6.37
C PHE A 58 22.20 -28.37 6.00
N HIS A 59 22.02 -27.57 4.95
CA HIS A 59 23.06 -26.67 4.47
C HIS A 59 22.55 -25.24 4.50
N SER A 60 23.41 -24.33 4.98
CA SER A 60 23.12 -22.91 4.99
C SER A 60 24.31 -22.15 4.42
N GLY A 61 24.06 -20.93 3.97
CA GLY A 61 25.00 -20.20 3.14
C GLY A 61 24.89 -20.61 1.68
N ASN A 62 25.46 -19.78 0.80
CA ASN A 62 25.50 -20.13 -0.61
C ASN A 62 26.60 -19.35 -1.31
N GLN A 63 26.77 -19.63 -2.60
CA GLN A 63 27.56 -18.78 -3.47
C GLN A 63 26.93 -17.39 -3.51
N GLU A 64 27.77 -16.36 -3.53
CA GLU A 64 27.42 -14.94 -3.41
C GLU A 64 27.20 -14.55 -1.95
N HIS A 65 26.41 -15.33 -1.21
CA HIS A 65 26.21 -15.06 0.22
C HIS A 65 26.81 -16.18 1.08
N PRO A 66 28.13 -16.37 1.09
CA PRO A 66 28.69 -17.50 1.85
C PRO A 66 28.68 -17.28 3.36
N GLY A 67 28.46 -16.04 3.83
CA GLY A 67 28.34 -15.78 5.25
C GLY A 67 26.95 -15.91 5.83
N ALA A 68 25.94 -16.13 4.97
CA ALA A 68 24.54 -16.18 5.40
C ALA A 68 24.20 -17.57 5.95
N ILE A 69 24.88 -17.92 7.04
CA ILE A 69 24.79 -19.26 7.61
C ILE A 69 24.07 -19.23 8.96
N LEU A 70 23.57 -20.40 9.36
CA LEU A 70 22.95 -20.60 10.66
C LEU A 70 24.01 -20.87 11.72
N LEU A 71 24.02 -20.05 12.77
CA LEU A 71 24.97 -20.18 13.87
C LEU A 71 24.27 -20.62 15.14
N ASN A 72 24.97 -21.39 15.96
CA ASN A 72 24.51 -21.79 17.28
C ASN A 72 23.11 -22.39 17.22
N THR A 73 22.95 -23.32 16.28
CA THR A 73 21.70 -24.05 16.07
C THR A 73 21.99 -25.54 16.22
N THR A 74 21.07 -26.26 16.86
CA THR A 74 21.22 -27.68 17.09
C THR A 74 20.28 -28.47 16.19
N VAL A 75 20.53 -29.77 16.11
CA VAL A 75 19.65 -30.70 15.42
C VAL A 75 19.11 -31.67 16.46
N ASP A 76 17.78 -31.63 16.66
CA ASP A 76 17.08 -32.48 17.62
C ASP A 76 16.09 -33.39 16.88
N VAL A 77 15.91 -34.60 17.40
CA VAL A 77 14.98 -35.55 16.82
C VAL A 77 14.03 -36.04 17.90
N LEU A 78 12.77 -36.17 17.55
CA LEU A 78 11.75 -36.60 18.50
C LEU A 78 11.33 -38.02 18.13
N PRO A 79 11.76 -39.05 18.87
CA PRO A 79 11.34 -40.41 18.56
C PRO A 79 9.83 -40.60 18.74
N LEU A 80 9.26 -41.52 17.95
CA LEU A 80 7.85 -41.86 18.11
C LEU A 80 7.58 -42.45 19.48
N LYS A 81 8.48 -43.30 19.97
CA LYS A 81 8.27 -44.01 21.21
C LYS A 81 8.93 -43.29 22.37
N SER A 82 8.46 -43.60 23.56
CA SER A 82 8.93 -42.98 24.79
C SER A 82 9.52 -44.02 25.74
N SER A 88 21.90 -46.65 24.00
CA SER A 88 23.34 -46.89 23.99
C SER A 88 23.97 -46.30 25.25
N LYS A 89 23.23 -45.40 25.89
CA LYS A 89 23.68 -44.57 27.01
C LYS A 89 24.41 -43.34 26.47
N GLU A 90 25.29 -43.52 25.49
CA GLU A 90 25.89 -42.35 24.85
C GLU A 90 24.80 -41.48 24.23
N THR A 91 23.91 -42.11 23.46
CA THR A 91 22.73 -41.42 22.95
C THR A 91 21.76 -41.07 24.08
N LYS A 92 21.73 -41.88 25.15
CA LYS A 92 20.85 -41.58 26.28
C LYS A 92 21.21 -40.25 26.92
N ASP A 93 22.51 -39.94 27.01
CA ASP A 93 22.92 -38.67 27.61
C ASP A 93 22.60 -37.47 26.73
N LYS A 94 22.12 -37.68 25.51
CA LYS A 94 21.69 -36.61 24.61
C LYS A 94 20.20 -36.29 24.74
N ARG A 95 19.49 -36.96 25.66
CA ARG A 95 18.07 -36.71 25.85
C ARG A 95 17.88 -35.35 26.50
N LEU A 96 16.93 -34.58 25.97
CA LEU A 96 16.51 -33.33 26.58
C LEU A 96 15.26 -33.59 27.42
N GLU A 97 14.92 -32.63 28.27
CA GLU A 97 13.81 -32.87 29.20
C GLU A 97 12.46 -32.91 28.49
N ASP A 98 12.35 -32.45 27.24
CA ASP A 98 11.10 -32.51 26.50
C ASP A 98 10.95 -33.77 25.63
N GLY A 99 11.84 -34.75 25.75
CA GLY A 99 11.76 -35.96 24.97
C GLY A 99 12.59 -35.97 23.69
N TYR A 100 12.98 -34.81 23.18
CA TYR A 100 13.88 -34.74 22.03
C TYR A 100 15.27 -35.25 22.39
N PHE A 101 15.95 -35.82 21.40
CA PHE A 101 17.38 -36.12 21.52
C PHE A 101 18.17 -35.14 20.69
N ARG A 102 19.16 -34.50 21.31
CA ARG A 102 20.00 -33.49 20.67
C ARG A 102 21.19 -34.18 20.03
N ILE A 103 21.04 -34.58 18.77
CA ILE A 103 22.03 -35.43 18.12
C ILE A 103 23.01 -34.68 17.21
N GLY A 104 22.70 -33.44 16.80
CA GLY A 104 23.56 -32.73 15.87
C GLY A 104 23.68 -31.26 16.20
N LYS A 105 24.54 -30.58 15.44
CA LYS A 105 24.72 -29.14 15.58
C LYS A 105 25.27 -28.60 14.27
N PHE A 106 24.92 -27.34 13.98
CA PHE A 106 25.47 -26.64 12.83
C PHE A 106 26.89 -26.19 13.12
N GLU A 107 27.77 -26.32 12.13
CA GLU A 107 29.05 -25.65 12.17
C GLU A 107 29.40 -25.23 10.74
N TYR A 108 29.89 -24.00 10.61
CA TYR A 108 30.17 -23.40 9.31
C TYR A 108 28.94 -23.44 8.40
N GLY A 109 27.75 -23.50 9.01
CA GLY A 109 26.51 -23.51 8.27
C GLY A 109 26.01 -24.87 7.84
N VAL A 110 26.68 -25.96 8.23
CA VAL A 110 26.32 -27.29 7.79
C VAL A 110 26.07 -28.18 9.01
N ALA A 111 24.96 -28.91 8.98
CA ALA A 111 24.66 -29.91 10.00
C ALA A 111 24.37 -31.22 9.28
N GLU A 112 25.18 -32.24 9.56
CA GLU A 112 25.00 -33.52 8.89
C GLU A 112 25.34 -34.64 9.85
N GLY A 113 24.64 -35.76 9.70
CA GLY A 113 24.95 -36.86 10.58
C GLY A 113 24.01 -38.04 10.39
N ILE A 114 24.20 -39.01 11.28
CA ILE A 114 23.46 -40.26 11.30
C ILE A 114 22.56 -40.24 12.53
N VAL A 115 21.45 -40.98 12.45
CA VAL A 115 20.57 -41.25 13.58
C VAL A 115 20.95 -42.60 14.17
N ASP A 116 21.18 -42.64 15.48
CA ASP A 116 21.27 -43.91 16.18
C ASP A 116 20.00 -44.71 15.89
N PRO A 117 20.10 -45.90 15.29
CA PRO A 117 18.88 -46.64 14.92
C PRO A 117 18.00 -47.01 16.10
N GLY A 118 18.53 -46.97 17.33
CA GLY A 118 17.69 -47.13 18.52
C GLY A 118 16.58 -46.09 18.62
N LEU A 119 16.78 -44.93 18.02
CA LEU A 119 15.78 -43.86 18.05
C LEU A 119 14.64 -44.08 17.07
N ASN A 120 14.84 -44.85 16.00
CA ASN A 120 13.84 -44.93 14.94
C ASN A 120 12.59 -45.68 15.39
N PRO A 121 11.42 -45.36 14.81
CA PRO A 121 11.21 -44.27 13.84
C PRO A 121 11.09 -42.87 14.47
N ILE A 122 11.44 -41.81 13.72
CA ILE A 122 11.39 -40.43 14.18
C ILE A 122 10.07 -39.78 13.75
N SER A 123 9.46 -39.00 14.65
CA SER A 123 8.25 -38.26 14.32
C SER A 123 8.51 -36.80 13.94
N ALA A 124 9.58 -36.20 14.46
CA ALA A 124 9.90 -34.82 14.16
C ALA A 124 11.40 -34.59 14.19
N PHE A 125 11.85 -33.73 13.29
CA PHE A 125 13.15 -33.08 13.37
C PHE A 125 12.91 -31.65 13.83
N ARG A 126 13.79 -31.15 14.70
CA ARG A 126 13.71 -29.76 15.16
C ARG A 126 15.10 -29.16 15.16
N LEU A 127 15.24 -28.01 14.50
CA LEU A 127 16.43 -27.18 14.62
C LEU A 127 16.17 -26.11 15.66
N SER A 128 16.99 -26.07 16.70
CA SER A 128 16.80 -25.18 17.85
C SER A 128 17.90 -24.12 17.84
N VAL A 129 17.51 -22.85 17.77
CA VAL A 129 18.51 -21.78 17.90
C VAL A 129 18.78 -21.52 19.37
N ILE A 130 20.06 -21.57 19.75
CA ILE A 130 20.45 -21.52 21.16
C ILE A 130 20.94 -20.12 21.54
N GLN A 131 21.49 -19.38 20.57
CA GLN A 131 22.03 -18.05 20.85
C GLN A 131 21.64 -17.07 19.74
N ASN A 132 21.52 -15.79 20.11
CA ASN A 132 21.18 -14.74 19.16
C ASN A 132 22.24 -14.61 18.06
N SER A 133 21.81 -14.18 16.88
CA SER A 133 22.72 -13.99 15.75
C SER A 133 22.30 -12.78 14.94
N ALA A 134 23.28 -12.06 14.39
CA ALA A 134 23.00 -10.89 13.55
C ALA A 134 22.90 -11.21 12.06
N VAL A 135 23.01 -12.47 11.67
CA VAL A 135 23.12 -12.84 10.26
C VAL A 135 21.73 -12.96 9.66
N TRP A 136 21.61 -12.57 8.38
CA TRP A 136 20.44 -12.95 7.59
C TRP A 136 20.80 -14.27 6.91
N ALA A 137 20.43 -15.38 7.54
CA ALA A 137 20.89 -16.68 7.10
C ALA A 137 20.02 -17.22 5.98
N ILE A 138 20.62 -18.06 5.13
CA ILE A 138 19.94 -18.71 4.02
C ILE A 138 20.02 -20.22 4.25
N LEU A 139 18.86 -20.85 4.47
CA LEU A 139 18.78 -22.31 4.55
C LEU A 139 18.36 -22.81 3.17
N ASN A 140 19.30 -23.41 2.45
CA ASN A 140 19.07 -23.76 1.05
C ASN A 140 19.09 -25.25 0.74
N GLU A 141 19.43 -26.11 1.69
CA GLU A 141 19.35 -27.56 1.48
C GLU A 141 18.82 -28.24 2.74
N ILE A 142 17.77 -29.03 2.57
CA ILE A 142 17.22 -29.89 3.63
C ILE A 142 17.11 -31.30 3.06
N HIS A 143 17.92 -32.23 3.57
CA HIS A 143 17.92 -33.61 3.11
C HIS A 143 17.79 -34.55 4.29
N ILE A 144 16.70 -35.31 4.33
CA ILE A 144 16.51 -36.35 5.34
C ILE A 144 16.36 -37.68 4.61
N LYS A 145 17.32 -38.59 4.81
CA LYS A 145 17.37 -39.85 4.06
C LYS A 145 16.69 -40.96 4.85
N LYS A 146 15.69 -41.58 4.23
CA LYS A 146 15.03 -42.73 4.82
C LYS A 146 16.00 -43.93 4.88
N VAL A 147 15.76 -44.83 5.85
CA VAL A 147 16.46 -46.11 5.87
C VAL A 147 15.91 -47.01 4.77
N THR A 148 16.78 -47.85 4.19
CA THR A 148 16.34 -48.80 3.17
C THR A 148 16.50 -50.26 3.61
N GLY B 4 -14.49 26.75 21.67
CA GLY B 4 -15.67 25.90 21.76
C GLY B 4 -16.78 26.32 20.82
N ASN B 5 -17.82 25.49 20.72
CA ASN B 5 -18.94 25.80 19.83
C ASN B 5 -19.89 26.80 20.48
N PRO B 6 -20.67 27.54 19.68
CA PRO B 6 -21.66 28.47 20.27
C PRO B 6 -22.61 27.74 21.22
N PRO B 7 -22.92 28.34 22.37
CA PRO B 7 -23.90 27.73 23.29
C PRO B 7 -25.19 27.35 22.57
N ALA B 8 -25.61 26.11 22.77
CA ALA B 8 -26.76 25.61 22.03
C ALA B 8 -27.47 24.52 22.85
N GLU B 9 -28.71 24.25 22.44
CA GLU B 9 -29.40 23.03 22.84
C GLU B 9 -29.35 22.05 21.69
N VAL B 10 -28.90 20.82 21.96
CA VAL B 10 -28.75 19.89 20.86
C VAL B 10 -29.72 18.73 21.06
N SER B 11 -30.07 18.10 19.95
CA SER B 11 -31.01 16.98 20.05
C SER B 11 -30.92 16.17 18.77
N THR B 12 -31.52 14.98 18.81
CA THR B 12 -31.43 14.10 17.67
C THR B 12 -32.52 13.05 17.76
N SER B 13 -32.93 12.55 16.60
CA SER B 13 -33.84 11.41 16.63
C SER B 13 -33.09 10.10 16.82
N LEU B 14 -31.77 10.12 16.72
CA LEU B 14 -30.97 8.91 16.85
C LEU B 14 -30.78 8.56 18.32
N LYS B 15 -31.12 7.32 18.69
CA LYS B 15 -31.09 6.90 20.08
C LYS B 15 -29.66 6.85 20.62
N VAL B 16 -29.46 7.31 21.85
CA VAL B 16 -28.11 7.34 22.42
C VAL B 16 -27.65 5.91 22.68
N TYR B 17 -26.41 5.63 22.33
CA TYR B 17 -25.84 4.29 22.48
C TYR B 17 -24.82 4.36 23.61
N GLN B 18 -25.11 3.67 24.72
CA GLN B 18 -24.16 3.46 25.81
C GLN B 18 -23.55 4.78 26.30
N GLY B 19 -24.42 5.76 26.55
CA GLY B 19 -24.01 7.01 27.17
C GLY B 19 -23.28 8.00 26.27
N HIS B 20 -23.12 7.70 24.97
CA HIS B 20 -22.46 8.64 24.06
C HIS B 20 -23.46 9.70 23.62
N THR B 21 -23.70 10.65 24.52
CA THR B 21 -24.68 11.71 24.22
C THR B 21 -24.15 12.70 23.19
N LEU B 22 -25.08 13.25 22.40
CA LEU B 22 -24.74 14.31 21.46
C LEU B 22 -24.23 15.56 22.17
N GLU B 23 -24.73 15.81 23.39
CA GLU B 23 -24.26 16.94 24.18
C GLU B 23 -22.75 16.84 24.45
N LYS B 24 -22.28 15.67 24.86
CA LYS B 24 -20.85 15.48 25.09
C LYS B 24 -20.05 15.68 23.81
N THR B 25 -20.61 15.28 22.65
CA THR B 25 -19.90 15.48 21.40
C THR B 25 -19.85 16.96 21.01
N TYR B 26 -20.93 17.69 21.25
CA TYR B 26 -20.95 19.13 20.95
C TYR B 26 -19.95 19.89 21.80
N MET B 27 -19.67 19.39 23.01
CA MET B 27 -18.73 20.01 23.92
C MET B 27 -17.33 19.46 23.76
N GLY B 28 -17.08 18.64 22.74
CA GLY B 28 -15.76 18.09 22.50
C GLY B 28 -15.26 17.06 23.50
N GLU B 29 -16.16 16.39 24.22
CA GLU B 29 -15.70 15.44 25.23
C GLU B 29 -15.71 13.97 24.78
N ASP B 30 -16.73 13.54 24.04
CA ASP B 30 -16.83 12.16 23.57
C ASP B 30 -17.38 12.16 22.15
N PHE B 31 -17.38 11.00 21.50
CA PHE B 31 -17.98 10.93 20.18
C PHE B 31 -19.42 10.45 20.28
N PHE B 32 -20.15 10.60 19.19
CA PHE B 32 -21.57 10.24 19.12
C PHE B 32 -21.75 9.04 18.20
N TRP B 33 -22.36 7.97 18.71
CA TRP B 33 -22.78 6.85 17.85
C TRP B 33 -24.10 7.20 17.16
N ALA B 34 -24.11 7.17 15.82
CA ALA B 34 -25.31 7.29 15.01
C ALA B 34 -25.54 5.90 14.38
N ILE B 35 -26.28 5.05 15.08
CA ILE B 35 -26.42 3.66 14.67
C ILE B 35 -27.47 3.55 13.58
N THR B 36 -27.07 3.02 12.41
CA THR B 36 -27.92 2.77 11.25
C THR B 36 -28.91 3.90 10.99
N PRO B 37 -28.40 5.08 10.62
CA PRO B 37 -29.28 6.23 10.38
C PRO B 37 -30.32 5.93 9.31
N THR B 38 -31.55 6.35 9.56
CA THR B 38 -32.63 6.12 8.61
C THR B 38 -33.07 7.44 7.97
N ALA B 39 -33.55 7.36 6.73
CA ALA B 39 -34.15 8.53 6.05
C ALA B 39 -35.11 9.28 6.98
N GLY B 40 -34.87 10.59 7.16
CA GLY B 40 -35.67 11.41 8.05
C GLY B 40 -35.08 11.63 9.44
N ASP B 41 -34.13 10.79 9.86
CA ASP B 41 -33.38 11.10 11.07
C ASP B 41 -32.72 12.47 10.94
N TYR B 42 -32.47 13.11 12.08
CA TYR B 42 -31.87 14.44 12.06
C TYR B 42 -30.98 14.61 13.28
N ILE B 43 -30.03 15.55 13.17
CA ILE B 43 -29.23 16.03 14.31
C ILE B 43 -29.38 17.54 14.32
N LEU B 44 -29.81 18.11 15.45
CA LEU B 44 -30.23 19.51 15.49
C LEU B 44 -29.42 20.26 16.53
N PHE B 45 -28.91 21.43 16.14
CA PHE B 45 -28.17 22.33 17.02
C PHE B 45 -28.90 23.67 16.99
N LYS B 46 -29.62 23.98 18.07
CA LYS B 46 -30.37 25.23 18.19
C LYS B 46 -29.53 26.19 19.03
N PHE B 47 -29.02 27.26 18.40
CA PHE B 47 -28.14 28.16 19.15
C PHE B 47 -28.93 28.99 20.14
N ASP B 48 -28.35 29.21 21.34
CA ASP B 48 -29.03 29.97 22.37
C ASP B 48 -29.32 31.39 21.90
N LYS B 49 -28.42 31.97 21.12
CA LYS B 49 -28.70 33.20 20.39
C LYS B 49 -28.21 33.01 18.96
N PRO B 50 -28.79 33.73 18.01
CA PRO B 50 -28.35 33.58 16.61
C PRO B 50 -26.86 33.83 16.48
N VAL B 51 -26.24 33.11 15.55
CA VAL B 51 -24.78 33.09 15.43
C VAL B 51 -24.42 33.49 14.00
N ASN B 52 -23.46 34.40 13.87
CA ASN B 52 -22.87 34.71 12.57
C ASN B 52 -21.79 33.68 12.29
N VAL B 53 -22.12 32.69 11.46
CA VAL B 53 -21.23 31.56 11.25
C VAL B 53 -20.31 31.87 10.08
N GLU B 54 -19.02 31.72 10.30
CA GLU B 54 -18.06 31.79 9.21
C GLU B 54 -17.99 30.47 8.47
N SER B 55 -17.76 29.38 9.20
CA SER B 55 -17.54 28.08 8.59
C SER B 55 -18.00 26.98 9.54
N TYR B 56 -18.07 25.76 9.00
CA TYR B 56 -18.44 24.60 9.79
C TYR B 56 -17.60 23.41 9.33
N LEU B 57 -17.33 22.51 10.28
CA LEU B 57 -16.78 21.20 9.94
C LEU B 57 -17.39 20.13 10.82
N PHE B 58 -17.88 19.06 10.20
CA PHE B 58 -18.33 17.87 10.88
C PHE B 58 -17.54 16.70 10.34
N HIS B 59 -16.99 15.90 11.25
CA HIS B 59 -16.21 14.73 10.91
C HIS B 59 -16.86 13.46 11.46
N SER B 60 -16.88 12.42 10.64
CA SER B 60 -17.30 11.08 11.05
C SER B 60 -16.28 10.05 10.56
N GLY B 61 -16.31 8.87 11.18
CA GLY B 61 -15.28 7.86 11.04
C GLY B 61 -14.10 8.14 11.95
N ASN B 62 -13.29 7.12 12.21
CA ASN B 62 -12.07 7.35 13.00
C ASN B 62 -10.99 6.35 12.62
N GLN B 63 -9.88 6.39 13.37
CA GLN B 63 -8.70 5.58 13.05
C GLN B 63 -9.05 4.09 12.95
N GLU B 64 -9.70 3.56 13.99
CA GLU B 64 -9.99 2.13 14.01
C GLU B 64 -11.15 1.76 13.09
N HIS B 65 -12.10 2.67 12.87
CA HIS B 65 -13.29 2.42 12.07
C HIS B 65 -13.41 3.47 10.98
N PRO B 66 -12.54 3.44 9.97
CA PRO B 66 -12.62 4.45 8.91
C PRO B 66 -13.88 4.35 8.08
N GLY B 67 -14.57 3.22 8.10
CA GLY B 67 -15.84 3.07 7.43
C GLY B 67 -17.04 3.53 8.22
N ALA B 68 -16.87 3.93 9.47
CA ALA B 68 -17.99 4.30 10.34
C ALA B 68 -18.40 5.76 10.11
N ILE B 69 -18.84 6.03 8.89
CA ILE B 69 -19.07 7.42 8.48
C ILE B 69 -20.56 7.66 8.27
N LEU B 70 -20.94 8.94 8.35
CA LEU B 70 -22.27 9.35 7.93
C LEU B 70 -22.33 9.46 6.41
N LEU B 71 -23.41 8.94 5.82
CA LEU B 71 -23.63 8.92 4.38
C LEU B 71 -24.97 9.55 4.08
N ASN B 72 -25.13 10.06 2.85
CA ASN B 72 -26.41 10.58 2.39
C ASN B 72 -27.06 11.47 3.45
N THR B 73 -26.27 12.42 3.95
CA THR B 73 -26.67 13.33 5.02
C THR B 73 -26.26 14.73 4.61
N THR B 74 -27.16 15.69 4.77
CA THR B 74 -26.96 17.05 4.33
C THR B 74 -26.70 17.96 5.54
N VAL B 75 -26.17 19.15 5.25
CA VAL B 75 -26.02 20.22 6.21
C VAL B 75 -26.97 21.33 5.79
N ASP B 76 -27.93 21.62 6.67
CA ASP B 76 -28.98 22.61 6.47
C ASP B 76 -28.85 23.68 7.55
N VAL B 77 -29.03 24.94 7.16
CA VAL B 77 -28.99 26.02 8.12
C VAL B 77 -30.29 26.81 8.05
N LEU B 78 -30.73 27.28 9.21
CA LEU B 78 -31.96 28.07 9.30
C LEU B 78 -31.60 29.50 9.66
N PRO B 79 -31.70 30.46 8.74
CA PRO B 79 -31.39 31.85 9.10
C PRO B 79 -32.40 32.43 10.10
N LEU B 80 -31.93 33.38 10.89
CA LEU B 80 -32.83 34.13 11.76
C LEU B 80 -33.89 34.86 10.94
N LYS B 81 -33.47 35.49 9.85
CA LYS B 81 -34.38 36.30 9.03
C LYS B 81 -35.30 35.42 8.20
N SER B 82 -36.60 35.71 8.25
CA SER B 82 -37.60 34.87 7.58
C SER B 82 -37.51 34.97 6.06
N ASP B 83 -37.51 36.19 5.51
CA ASP B 83 -37.61 36.36 4.06
C ASP B 83 -36.77 37.54 3.59
N SER B 84 -36.75 37.72 2.27
CA SER B 84 -36.10 38.87 1.60
C SER B 84 -34.63 39.01 2.02
N LEU B 85 -33.92 37.88 1.96
CA LEU B 85 -32.51 37.85 2.30
C LEU B 85 -31.66 38.41 1.15
N GLU B 86 -30.47 38.91 1.51
CA GLU B 86 -29.53 39.48 0.53
C GLU B 86 -28.61 38.36 0.05
N ILE B 87 -29.15 37.53 -0.83
CA ILE B 87 -28.47 36.33 -1.29
C ILE B 87 -28.58 36.24 -2.80
N SER B 88 -27.62 35.55 -3.41
CA SER B 88 -27.69 35.26 -4.83
C SER B 88 -28.88 34.37 -5.15
N LYS B 89 -29.04 33.98 -6.40
CA LYS B 89 -30.05 32.98 -6.71
C LYS B 89 -29.47 31.57 -6.70
N GLU B 90 -28.14 31.42 -6.75
CA GLU B 90 -27.52 30.15 -6.38
C GLU B 90 -27.93 29.74 -4.97
N THR B 91 -27.72 30.64 -4.00
CA THR B 91 -28.10 30.35 -2.62
C THR B 91 -29.61 30.24 -2.47
N LYS B 92 -30.37 31.08 -3.19
CA LYS B 92 -31.82 31.02 -3.05
C LYS B 92 -32.38 29.72 -3.62
N ASP B 93 -31.70 29.14 -4.62
CA ASP B 93 -32.08 27.84 -5.19
C ASP B 93 -31.90 26.70 -4.20
N LYS B 94 -31.21 26.94 -3.08
CA LYS B 94 -31.00 25.94 -2.05
C LYS B 94 -32.01 26.02 -0.92
N ARG B 95 -32.96 26.95 -0.97
CA ARG B 95 -33.97 27.04 0.08
C ARG B 95 -34.89 25.83 0.01
N LEU B 96 -35.13 25.20 1.17
CA LEU B 96 -36.07 24.11 1.31
C LEU B 96 -37.44 24.66 1.69
N GLU B 97 -38.47 23.80 1.61
CA GLU B 97 -39.83 24.29 1.84
C GLU B 97 -40.07 24.73 3.28
N ASP B 98 -39.35 24.18 4.25
CA ASP B 98 -39.51 24.60 5.64
C ASP B 98 -38.63 25.80 6.02
N GLY B 99 -37.93 26.40 5.05
CA GLY B 99 -37.20 27.61 5.30
C GLY B 99 -35.72 27.42 5.55
N TYR B 100 -35.29 26.18 5.82
CA TYR B 100 -33.87 25.85 5.86
C TYR B 100 -33.24 26.02 4.48
N PHE B 101 -31.94 26.29 4.47
CA PHE B 101 -31.13 26.29 3.25
C PHE B 101 -30.19 25.09 3.30
N ARG B 102 -30.21 24.27 2.25
CA ARG B 102 -29.40 23.04 2.18
C ARG B 102 -28.06 23.44 1.57
N ILE B 103 -27.07 23.68 2.43
CA ILE B 103 -25.84 24.31 1.97
C ILE B 103 -24.68 23.35 1.86
N GLY B 104 -24.80 22.14 2.43
CA GLY B 104 -23.68 21.23 2.37
C GLY B 104 -24.14 19.80 2.46
N LYS B 105 -23.18 18.88 2.44
CA LYS B 105 -23.50 17.47 2.63
C LYS B 105 -22.21 16.71 2.94
N PHE B 106 -22.40 15.51 3.48
CA PHE B 106 -21.27 14.67 3.84
C PHE B 106 -20.74 13.95 2.60
N GLU B 107 -19.42 13.98 2.45
CA GLU B 107 -18.68 13.30 1.39
C GLU B 107 -17.48 12.66 2.07
N TYR B 108 -17.34 11.34 1.93
CA TYR B 108 -16.25 10.62 2.61
C TYR B 108 -16.30 10.87 4.12
N GLY B 109 -17.51 11.03 4.67
CA GLY B 109 -17.67 11.17 6.10
C GLY B 109 -17.40 12.55 6.65
N VAL B 110 -17.17 13.56 5.79
CA VAL B 110 -16.83 14.92 6.22
C VAL B 110 -17.75 15.89 5.51
N ALA B 111 -18.30 16.84 6.27
CA ALA B 111 -19.06 17.94 5.68
C ALA B 111 -18.44 19.23 6.18
N GLU B 112 -18.00 20.07 5.25
CA GLU B 112 -17.30 21.28 5.65
C GLU B 112 -17.60 22.38 4.64
N GLY B 113 -17.57 23.60 5.11
CA GLY B 113 -17.87 24.68 4.20
C GLY B 113 -17.91 26.01 4.93
N ILE B 114 -18.11 27.05 4.15
CA ILE B 114 -18.41 28.35 4.68
C ILE B 114 -19.90 28.58 4.51
N VAL B 115 -20.42 29.60 5.18
CA VAL B 115 -21.83 29.96 5.11
C VAL B 115 -21.92 31.22 4.26
N ASP B 116 -22.83 31.21 3.30
CA ASP B 116 -23.07 32.39 2.49
C ASP B 116 -23.48 33.53 3.41
N PRO B 117 -22.75 34.66 3.43
CA PRO B 117 -22.99 35.66 4.49
C PRO B 117 -24.39 36.23 4.47
N GLY B 118 -25.09 36.21 3.34
CA GLY B 118 -26.49 36.64 3.30
C GLY B 118 -27.43 35.77 4.13
N LEU B 119 -26.97 34.59 4.56
CA LEU B 119 -27.76 33.74 5.47
C LEU B 119 -27.62 34.13 6.94
N ASN B 120 -26.54 34.83 7.31
CA ASN B 120 -26.27 35.09 8.72
C ASN B 120 -27.15 36.22 9.26
N PRO B 121 -27.51 36.18 10.55
CA PRO B 121 -27.12 35.12 11.50
C PRO B 121 -27.98 33.87 11.38
N ILE B 122 -27.44 32.75 11.84
CA ILE B 122 -28.10 31.44 11.76
C ILE B 122 -28.70 31.13 13.12
N SER B 123 -29.96 30.66 13.16
CA SER B 123 -30.55 30.25 14.43
C SER B 123 -30.35 28.76 14.71
N ALA B 124 -30.19 27.94 13.68
CA ALA B 124 -30.05 26.51 13.89
C ALA B 124 -29.30 25.85 12.74
N PHE B 125 -28.55 24.81 13.08
CA PHE B 125 -27.93 23.90 12.12
C PHE B 125 -28.62 22.56 12.24
N ARG B 126 -28.83 21.91 11.11
CA ARG B 126 -29.49 20.61 11.08
C ARG B 126 -28.73 19.70 10.14
N LEU B 127 -28.42 18.49 10.60
CA LEU B 127 -27.90 17.44 9.74
C LEU B 127 -29.09 16.54 9.41
N SER B 128 -29.42 16.40 8.11
CA SER B 128 -30.60 15.67 7.66
C SER B 128 -30.17 14.40 6.95
N VAL B 129 -30.49 13.24 7.51
CA VAL B 129 -30.24 11.97 6.84
C VAL B 129 -31.27 11.77 5.74
N ILE B 130 -30.80 11.68 4.49
CA ILE B 130 -31.70 11.62 3.34
C ILE B 130 -32.04 10.18 2.95
N GLN B 131 -31.12 9.24 3.15
CA GLN B 131 -31.32 7.85 2.77
C GLN B 131 -30.94 6.96 3.95
N ASN B 132 -31.48 5.74 3.97
CA ASN B 132 -31.10 4.79 5.02
C ASN B 132 -29.65 4.38 4.83
N SER B 133 -29.00 4.01 5.92
CA SER B 133 -27.66 3.45 5.87
C SER B 133 -27.58 2.32 6.88
N ALA B 134 -26.76 1.31 6.55
CA ALA B 134 -26.58 0.17 7.43
C ALA B 134 -25.37 0.30 8.36
N VAL B 135 -24.62 1.38 8.29
CA VAL B 135 -23.38 1.45 9.07
C VAL B 135 -23.66 2.12 10.41
N TRP B 136 -22.91 1.71 11.43
CA TRP B 136 -22.87 2.35 12.74
C TRP B 136 -21.89 3.51 12.69
N ALA B 137 -22.39 4.71 12.43
CA ALA B 137 -21.50 5.83 12.19
C ALA B 137 -20.99 6.41 13.51
N ILE B 138 -19.76 6.96 13.46
CA ILE B 138 -19.13 7.62 14.61
C ILE B 138 -18.95 9.09 14.21
N LEU B 139 -19.71 9.98 14.82
CA LEU B 139 -19.59 11.43 14.60
C LEU B 139 -18.68 11.94 15.71
N ASN B 140 -17.45 12.29 15.38
CA ASN B 140 -16.48 12.60 16.43
C ASN B 140 -15.92 14.01 16.37
N GLU B 141 -16.37 14.85 15.45
CA GLU B 141 -15.98 16.25 15.48
C GLU B 141 -17.13 17.13 15.01
N ILE B 142 -17.46 18.13 15.83
CA ILE B 142 -18.40 19.19 15.49
C ILE B 142 -17.68 20.51 15.71
N HIS B 143 -17.55 21.31 14.66
CA HIS B 143 -16.90 22.61 14.74
C HIS B 143 -17.75 23.62 13.99
N ILE B 144 -18.36 24.55 14.72
CA ILE B 144 -19.11 25.63 14.12
C ILE B 144 -18.42 26.92 14.55
N LYS B 145 -17.83 27.62 13.62
CA LYS B 145 -16.92 28.71 13.90
C LYS B 145 -17.64 30.03 13.63
N LYS B 146 -17.78 30.86 14.64
CA LYS B 146 -18.41 32.14 14.40
C LYS B 146 -17.39 33.14 13.83
N VAL B 147 -17.93 34.23 13.27
CA VAL B 147 -17.07 35.31 12.78
C VAL B 147 -16.32 35.91 13.96
N THR B 148 -15.01 36.04 13.81
CA THR B 148 -14.18 36.75 14.79
C THR B 148 -13.23 37.68 14.05
N SER B 149 -12.59 38.58 14.79
CA SER B 149 -11.63 39.52 14.21
C SER B 149 -10.49 38.80 13.47
N GLY C 4 29.96 9.80 -30.10
CA GLY C 4 30.61 8.96 -29.10
C GLY C 4 30.73 9.61 -27.72
N ASN C 5 30.90 8.78 -26.69
CA ASN C 5 31.02 9.28 -25.32
C ASN C 5 32.48 9.64 -25.02
N PRO C 6 32.76 10.45 -23.99
CA PRO C 6 34.17 10.69 -23.61
C PRO C 6 34.81 9.36 -23.23
N PRO C 7 36.07 9.13 -23.60
CA PRO C 7 36.68 7.84 -23.23
C PRO C 7 36.74 7.72 -21.72
N ALA C 8 36.54 6.49 -21.22
CA ALA C 8 36.30 6.29 -19.80
C ALA C 8 36.58 4.85 -19.41
N GLU C 9 37.01 4.66 -18.18
CA GLU C 9 37.07 3.32 -17.59
C GLU C 9 35.69 2.97 -17.06
N VAL C 10 35.08 1.91 -17.57
CA VAL C 10 33.72 1.55 -17.16
C VAL C 10 33.77 0.31 -16.30
N SER C 11 32.93 0.28 -15.27
CA SER C 11 32.89 -0.87 -14.37
C SER C 11 31.50 -0.96 -13.76
N THR C 12 31.19 -2.12 -13.19
CA THR C 12 29.89 -2.35 -12.58
C THR C 12 29.96 -3.55 -11.63
N SER C 13 29.15 -3.50 -10.58
CA SER C 13 28.93 -4.66 -9.72
C SER C 13 27.93 -5.65 -10.33
N LEU C 14 27.22 -5.27 -11.37
CA LEU C 14 26.26 -6.18 -12.01
C LEU C 14 27.00 -7.22 -12.82
N LYS C 15 26.54 -8.46 -12.73
CA LYS C 15 27.18 -9.58 -13.40
C LYS C 15 26.75 -9.62 -14.87
N VAL C 16 27.74 -9.69 -15.78
CA VAL C 16 27.49 -9.75 -17.23
C VAL C 16 26.74 -11.04 -17.59
N TYR C 17 25.74 -10.91 -18.47
CA TYR C 17 24.99 -12.08 -18.96
C TYR C 17 25.16 -12.17 -20.47
N GLN C 18 25.46 -13.38 -20.96
CA GLN C 18 25.53 -13.64 -22.41
C GLN C 18 26.48 -12.69 -23.13
N GLY C 19 27.59 -12.36 -22.48
CA GLY C 19 28.60 -11.51 -23.11
C GLY C 19 28.20 -10.07 -23.37
N HIS C 20 27.07 -9.60 -22.80
CA HIS C 20 26.64 -8.21 -23.00
C HIS C 20 27.41 -7.32 -22.02
N THR C 21 28.62 -6.94 -22.42
CA THR C 21 29.48 -6.18 -21.52
C THR C 21 29.11 -4.70 -21.49
N LEU C 22 29.37 -4.07 -20.36
CA LEU C 22 29.14 -2.64 -20.21
C LEU C 22 29.94 -1.84 -21.23
N GLU C 23 31.19 -2.25 -21.53
CA GLU C 23 32.01 -1.47 -22.46
C GLU C 23 31.39 -1.44 -23.87
N LYS C 24 30.89 -2.57 -24.37
CA LYS C 24 30.23 -2.53 -25.68
C LYS C 24 29.05 -1.55 -25.66
N THR C 25 28.33 -1.47 -24.54
CA THR C 25 27.20 -0.54 -24.47
C THR C 25 27.68 0.90 -24.45
N TYR C 26 28.74 1.18 -23.68
CA TYR C 26 29.30 2.54 -23.64
C TYR C 26 29.76 2.99 -25.02
N MET C 27 30.22 2.05 -25.85
CA MET C 27 30.66 2.33 -27.21
C MET C 27 29.53 2.27 -28.23
N GLY C 28 28.28 2.05 -27.79
CA GLY C 28 27.14 2.01 -28.70
C GLY C 28 27.03 0.78 -29.57
N GLU C 29 27.60 -0.36 -29.14
CA GLU C 29 27.66 -1.53 -29.99
C GLU C 29 26.64 -2.61 -29.61
N ASP C 30 26.15 -2.59 -28.38
CA ASP C 30 25.22 -3.62 -27.91
C ASP C 30 24.58 -3.10 -26.63
N PHE C 31 23.47 -3.71 -26.24
CA PHE C 31 22.85 -3.36 -24.99
C PHE C 31 23.48 -4.13 -23.82
N PHE C 32 23.23 -3.64 -22.62
CA PHE C 32 23.75 -4.23 -21.39
C PHE C 32 22.60 -4.81 -20.59
N TRP C 33 22.69 -6.09 -20.23
CA TRP C 33 21.72 -6.71 -19.33
C TRP C 33 22.04 -6.29 -17.90
N ALA C 34 21.09 -5.67 -17.20
CA ALA C 34 21.20 -5.41 -15.76
C ALA C 34 20.21 -6.35 -15.09
N ILE C 35 20.70 -7.53 -14.70
CA ILE C 35 19.87 -8.64 -14.23
C ILE C 35 19.58 -8.46 -12.74
N THR C 36 18.30 -8.40 -12.39
CA THR C 36 17.81 -8.29 -11.02
C THR C 36 18.64 -7.29 -10.20
N PRO C 37 18.63 -6.01 -10.58
CA PRO C 37 19.41 -5.01 -9.85
C PRO C 37 19.12 -5.08 -8.35
N THR C 38 20.18 -5.04 -7.56
CA THR C 38 20.02 -5.07 -6.10
C THR C 38 20.51 -3.78 -5.48
N ALA C 39 19.90 -3.39 -4.38
CA ALA C 39 20.31 -2.18 -3.68
C ALA C 39 21.81 -2.20 -3.41
N GLY C 40 22.48 -1.10 -3.70
CA GLY C 40 23.92 -1.01 -3.61
C GLY C 40 24.67 -1.34 -4.91
N ASP C 41 24.01 -1.95 -5.89
CA ASP C 41 24.65 -2.11 -7.20
C ASP C 41 24.97 -0.75 -7.80
N TYR C 42 26.00 -0.71 -8.64
CA TYR C 42 26.39 0.54 -9.30
C TYR C 42 26.91 0.24 -10.71
N ILE C 43 26.91 1.29 -11.51
CA ILE C 43 27.54 1.33 -12.82
C ILE C 43 28.38 2.60 -12.84
N LEU C 44 29.66 2.48 -13.14
CA LEU C 44 30.62 3.58 -12.98
C LEU C 44 31.30 3.87 -14.30
N PHE C 45 31.39 5.17 -14.64
CA PHE C 45 32.08 5.69 -15.81
C PHE C 45 33.10 6.71 -15.33
N LYS C 46 34.38 6.35 -15.39
CA LYS C 46 35.47 7.21 -14.89
C LYS C 46 36.21 7.79 -16.09
N PHE C 47 36.06 9.09 -16.35
CA PHE C 47 36.58 9.63 -17.60
C PHE C 47 38.12 9.63 -17.59
N ASP C 48 38.69 9.41 -18.78
CA ASP C 48 40.15 9.43 -18.93
C ASP C 48 40.71 10.82 -18.60
N LYS C 49 39.96 11.86 -18.89
CA LYS C 49 40.29 13.21 -18.46
C LYS C 49 39.00 13.89 -17.99
N PRO C 50 39.10 14.86 -17.06
CA PRO C 50 37.90 15.57 -16.61
C PRO C 50 37.14 16.16 -17.79
N VAL C 51 35.81 16.07 -17.73
CA VAL C 51 34.94 16.45 -18.84
C VAL C 51 34.00 17.56 -18.39
N ASN C 52 33.84 18.59 -19.22
CA ASN C 52 32.81 19.60 -19.03
C ASN C 52 31.53 19.06 -19.68
N VAL C 53 30.60 18.59 -18.87
CA VAL C 53 29.44 17.86 -19.34
C VAL C 53 28.29 18.85 -19.49
N GLU C 54 27.71 18.91 -20.69
CA GLU C 54 26.48 19.66 -20.92
C GLU C 54 25.25 18.90 -20.43
N SER C 55 25.07 17.66 -20.91
CA SER C 55 23.87 16.90 -20.64
C SER C 55 24.19 15.40 -20.62
N TYR C 56 23.20 14.61 -20.21
CA TYR C 56 23.36 13.17 -20.19
C TYR C 56 22.02 12.52 -20.49
N LEU C 57 22.09 11.32 -21.08
CA LEU C 57 20.90 10.50 -21.29
C LEU C 57 21.27 9.02 -21.16
N PHE C 58 20.60 8.33 -20.25
CA PHE C 58 20.68 6.87 -20.14
C PHE C 58 19.29 6.32 -20.43
N HIS C 59 19.18 5.40 -21.38
CA HIS C 59 17.90 4.83 -21.75
C HIS C 59 17.88 3.33 -21.45
N SER C 60 16.78 2.85 -20.89
CA SER C 60 16.55 1.43 -20.68
C SER C 60 15.17 1.05 -21.21
N GLY C 61 14.97 -0.24 -21.45
CA GLY C 61 13.73 -0.75 -22.02
C GLY C 61 13.66 -0.57 -23.53
N ASN C 62 12.74 -1.31 -24.16
CA ASN C 62 12.45 -1.12 -25.59
C ASN C 62 10.98 -1.49 -25.85
N GLN C 63 10.56 -1.40 -27.13
CA GLN C 63 9.12 -1.51 -27.40
C GLN C 63 8.63 -2.95 -27.30
N GLU C 64 9.49 -3.94 -27.60
CA GLU C 64 9.14 -5.33 -27.32
C GLU C 64 8.98 -5.59 -25.83
N HIS C 65 9.85 -5.00 -24.99
CA HIS C 65 9.83 -5.25 -23.54
C HIS C 65 9.87 -3.93 -22.79
N PRO C 66 8.76 -3.20 -22.80
CA PRO C 66 8.75 -1.86 -22.19
C PRO C 66 8.99 -1.84 -20.70
N GLY C 67 8.72 -2.95 -20.00
CA GLY C 67 8.96 -3.05 -18.57
C GLY C 67 10.37 -3.45 -18.17
N ALA C 68 11.24 -3.71 -19.15
CA ALA C 68 12.63 -4.14 -18.87
C ALA C 68 13.53 -2.91 -18.67
N ILE C 69 13.25 -2.19 -17.58
CA ILE C 69 13.82 -0.87 -17.38
C ILE C 69 14.56 -0.83 -16.05
N LEU C 70 15.54 0.07 -15.96
CA LEU C 70 16.14 0.39 -14.68
C LEU C 70 15.15 1.15 -13.83
N LEU C 71 14.97 0.69 -12.60
CA LEU C 71 14.02 1.24 -11.66
C LEU C 71 14.78 1.68 -10.43
N ASN C 72 14.35 2.79 -9.82
CA ASN C 72 14.86 3.22 -8.51
C ASN C 72 16.39 3.27 -8.50
N THR C 73 16.92 4.05 -9.45
CA THR C 73 18.34 4.17 -9.75
C THR C 73 18.63 5.64 -10.00
N THR C 74 19.66 6.15 -9.36
CA THR C 74 19.99 7.56 -9.45
C THR C 74 21.20 7.79 -10.36
N VAL C 75 21.38 9.04 -10.75
CA VAL C 75 22.52 9.51 -11.52
C VAL C 75 23.31 10.44 -10.61
N ASP C 76 24.50 9.99 -10.22
CA ASP C 76 25.44 10.73 -9.38
C ASP C 76 26.67 11.13 -10.20
N VAL C 77 27.17 12.35 -9.98
CA VAL C 77 28.41 12.77 -10.63
C VAL C 77 29.42 13.22 -9.59
N LEU C 78 30.69 12.98 -9.90
CA LEU C 78 31.80 13.39 -9.05
C LEU C 78 32.55 14.53 -9.72
N PRO C 79 32.55 15.74 -9.16
CA PRO C 79 33.34 16.83 -9.75
C PRO C 79 34.83 16.65 -9.51
N LEU C 80 35.62 17.21 -10.42
CA LEU C 80 37.08 17.23 -10.25
C LEU C 80 37.47 18.03 -9.02
N LYS C 81 36.89 19.22 -8.87
CA LYS C 81 37.21 20.12 -7.75
C LYS C 81 36.36 19.78 -6.55
N SER C 82 37.01 19.57 -5.40
CA SER C 82 36.27 19.30 -4.17
C SER C 82 36.10 20.57 -3.32
N LYS C 89 22.53 26.81 -5.00
CA LYS C 89 22.13 26.37 -3.67
C LYS C 89 21.43 25.01 -3.72
N GLU C 90 20.51 24.84 -4.69
CA GLU C 90 19.91 23.54 -4.94
C GLU C 90 20.98 22.48 -5.18
N THR C 91 21.89 22.77 -6.10
CA THR C 91 22.92 21.79 -6.43
C THR C 91 23.76 21.44 -5.21
N LYS C 92 23.97 22.39 -4.29
CA LYS C 92 24.65 22.05 -3.05
C LYS C 92 23.81 21.09 -2.20
N ASP C 93 22.49 21.31 -2.15
CA ASP C 93 21.62 20.37 -1.46
C ASP C 93 21.83 18.95 -1.97
N LYS C 94 22.09 18.82 -3.27
CA LYS C 94 22.21 17.49 -3.89
C LYS C 94 23.49 16.72 -3.53
N ARG C 95 24.40 17.25 -2.70
CA ARG C 95 25.66 16.54 -2.45
C ARG C 95 25.43 15.31 -1.59
N LEU C 96 26.12 14.22 -1.92
CA LEU C 96 26.20 13.02 -1.10
C LEU C 96 27.44 13.07 -0.22
N GLU C 97 27.46 12.22 0.81
CA GLU C 97 28.54 12.21 1.79
C GLU C 97 29.83 11.64 1.20
N ASP C 98 29.79 11.06 0.02
CA ASP C 98 31.01 10.53 -0.58
C ASP C 98 31.63 11.49 -1.60
N GLY C 99 31.08 12.70 -1.74
CA GLY C 99 31.57 13.67 -2.69
C GLY C 99 30.77 13.75 -3.98
N TYR C 100 30.02 12.71 -4.32
CA TYR C 100 29.19 12.74 -5.53
C TYR C 100 27.99 13.64 -5.32
N PHE C 101 27.47 14.16 -6.43
CA PHE C 101 26.28 14.97 -6.44
C PHE C 101 25.16 14.21 -7.14
N ARG C 102 24.09 13.94 -6.40
CA ARG C 102 22.96 13.14 -6.87
C ARG C 102 22.03 14.06 -7.67
N ILE C 103 22.19 14.07 -8.99
CA ILE C 103 21.58 15.09 -9.83
C ILE C 103 20.46 14.54 -10.70
N GLY C 104 20.26 13.22 -10.76
CA GLY C 104 19.17 12.75 -11.59
C GLY C 104 18.70 11.38 -11.16
N LYS C 105 17.73 10.85 -11.90
CA LYS C 105 17.23 9.51 -11.62
C LYS C 105 16.45 9.01 -12.82
N PHE C 106 16.24 7.70 -12.86
CA PHE C 106 15.47 7.11 -13.94
C PHE C 106 13.98 7.34 -13.71
N GLU C 107 13.26 7.68 -14.77
CA GLU C 107 11.80 7.71 -14.71
C GLU C 107 11.29 7.15 -16.03
N TYR C 108 10.34 6.21 -15.97
CA TYR C 108 9.91 5.49 -17.17
C TYR C 108 11.12 4.88 -17.90
N GLY C 109 12.11 4.45 -17.13
CA GLY C 109 13.31 3.82 -17.69
C GLY C 109 14.33 4.76 -18.30
N VAL C 110 14.13 6.08 -18.23
CA VAL C 110 15.03 7.05 -18.85
C VAL C 110 15.55 7.99 -17.77
N ALA C 111 16.86 8.20 -17.76
CA ALA C 111 17.47 9.17 -16.85
C ALA C 111 18.16 10.21 -17.73
N GLU C 112 17.62 11.43 -17.76
CA GLU C 112 18.16 12.43 -18.67
C GLU C 112 18.15 13.78 -17.98
N GLY C 113 19.15 14.59 -18.30
CA GLY C 113 19.18 15.92 -17.70
C GLY C 113 20.42 16.69 -18.07
N ILE C 114 20.58 17.83 -17.39
CA ILE C 114 21.73 18.71 -17.55
C ILE C 114 22.56 18.62 -16.28
N VAL C 115 23.81 19.06 -16.40
CA VAL C 115 24.67 19.26 -15.24
C VAL C 115 24.74 20.76 -14.99
N ASP C 116 24.64 21.16 -13.74
CA ASP C 116 24.84 22.56 -13.40
C ASP C 116 26.26 22.95 -13.77
N PRO C 117 26.47 24.02 -14.61
CA PRO C 117 27.83 24.39 -15.05
C PRO C 117 28.82 24.63 -13.93
N GLY C 118 28.32 24.85 -12.71
CA GLY C 118 29.19 25.02 -11.57
C GLY C 118 29.91 23.76 -11.13
N LEU C 119 29.32 22.58 -11.37
CA LEU C 119 29.94 21.32 -10.99
C LEU C 119 31.07 20.90 -11.93
N ASN C 120 31.14 21.45 -13.14
CA ASN C 120 32.15 21.02 -14.10
C ASN C 120 33.55 21.45 -13.65
N PRO C 121 34.61 20.71 -14.07
CA PRO C 121 34.55 19.48 -14.86
C PRO C 121 34.25 18.23 -14.04
N ILE C 122 33.66 17.22 -14.70
CA ILE C 122 33.23 15.99 -14.04
C ILE C 122 34.28 14.90 -14.27
N SER C 123 34.71 14.24 -13.19
CA SER C 123 35.63 13.11 -13.27
C SER C 123 34.92 11.77 -13.47
N ALA C 124 33.70 11.62 -12.93
CA ALA C 124 33.01 10.34 -13.05
C ALA C 124 31.48 10.52 -12.99
N PHE C 125 30.78 9.65 -13.73
CA PHE C 125 29.35 9.45 -13.62
C PHE C 125 29.10 8.11 -12.95
N ARG C 126 28.11 8.05 -12.06
CA ARG C 126 27.76 6.79 -11.41
C ARG C 126 26.24 6.61 -11.41
N LEU C 127 25.78 5.41 -11.77
CA LEU C 127 24.38 5.01 -11.61
C LEU C 127 24.28 4.12 -10.38
N SER C 128 23.44 4.52 -9.41
CA SER C 128 23.36 3.88 -8.10
C SER C 128 21.99 3.25 -7.94
N VAL C 129 21.94 1.95 -7.72
CA VAL C 129 20.66 1.27 -7.56
C VAL C 129 20.24 1.42 -6.09
N ILE C 130 19.04 1.96 -5.86
CA ILE C 130 18.59 2.21 -4.49
C ILE C 130 17.79 1.04 -3.93
N GLN C 131 16.95 0.38 -4.73
CA GLN C 131 16.12 -0.73 -4.27
C GLN C 131 16.27 -1.95 -5.16
N ASN C 132 16.07 -3.12 -4.57
CA ASN C 132 16.01 -4.36 -5.33
C ASN C 132 14.94 -4.31 -6.39
N SER C 133 15.18 -5.03 -7.47
CA SER C 133 14.27 -5.08 -8.60
C SER C 133 14.31 -6.49 -9.14
N ALA C 134 13.17 -6.99 -9.58
CA ALA C 134 13.10 -8.34 -10.11
C ALA C 134 13.19 -8.40 -11.64
N VAL C 135 13.23 -7.24 -12.32
CA VAL C 135 13.27 -7.27 -13.77
C VAL C 135 14.70 -7.59 -14.24
N TRP C 136 14.79 -8.01 -15.48
CA TRP C 136 16.03 -7.96 -16.24
C TRP C 136 15.96 -6.67 -17.04
N ALA C 137 16.72 -5.65 -16.61
CA ALA C 137 16.69 -4.36 -17.29
C ALA C 137 17.59 -4.36 -18.52
N ILE C 138 17.13 -3.71 -19.57
CA ILE C 138 17.86 -3.59 -20.83
C ILE C 138 18.39 -2.16 -20.90
N LEU C 139 19.67 -1.95 -20.59
CA LEU C 139 20.28 -0.63 -20.70
C LEU C 139 20.81 -0.49 -22.12
N ASN C 140 20.16 0.34 -22.94
CA ASN C 140 20.50 0.34 -24.36
C ASN C 140 20.91 1.69 -24.93
N GLU C 141 20.96 2.75 -24.14
CA GLU C 141 21.66 3.95 -24.58
C GLU C 141 22.42 4.57 -23.41
N ILE C 142 23.66 4.95 -23.69
CA ILE C 142 24.44 5.79 -22.78
C ILE C 142 24.98 6.94 -23.61
N HIS C 143 24.62 8.16 -23.20
CA HIS C 143 25.03 9.37 -23.91
C HIS C 143 25.47 10.41 -22.90
N ILE C 144 26.72 10.84 -23.00
CA ILE C 144 27.26 11.88 -22.16
C ILE C 144 27.83 12.92 -23.11
N LYS C 145 27.19 14.08 -23.19
CA LYS C 145 27.53 15.06 -24.21
C LYS C 145 28.29 16.22 -23.57
N LYS C 146 29.41 16.59 -24.20
CA LYS C 146 30.31 17.63 -23.72
C LYS C 146 29.74 19.02 -23.97
N VAL C 147 30.19 19.98 -23.15
CA VAL C 147 30.05 21.39 -23.48
C VAL C 147 30.98 21.72 -24.65
N THR C 148 30.43 22.35 -25.69
CA THR C 148 31.27 22.76 -26.82
C THR C 148 32.06 24.03 -26.46
N GLY D 4 -20.54 21.25 -12.28
CA GLY D 4 -20.00 20.13 -13.03
C GLY D 4 -18.75 20.46 -13.85
N ASN D 5 -18.17 19.43 -14.47
CA ASN D 5 -16.98 19.65 -15.27
C ASN D 5 -17.38 20.13 -16.66
N PRO D 6 -16.47 20.80 -17.38
CA PRO D 6 -16.77 21.19 -18.76
C PRO D 6 -17.11 19.97 -19.59
N PRO D 7 -18.09 20.06 -20.48
CA PRO D 7 -18.40 18.91 -21.33
C PRO D 7 -17.15 18.48 -22.08
N ALA D 8 -16.97 17.17 -22.22
CA ALA D 8 -15.69 16.66 -22.72
C ALA D 8 -15.86 15.23 -23.21
N GLU D 9 -15.13 14.88 -24.25
CA GLU D 9 -14.97 13.49 -24.65
C GLU D 9 -13.91 12.85 -23.76
N VAL D 10 -14.27 11.79 -23.04
CA VAL D 10 -13.37 11.16 -22.09
C VAL D 10 -12.97 9.79 -22.63
N SER D 11 -11.67 9.47 -22.52
CA SER D 11 -11.21 8.15 -22.95
C SER D 11 -10.03 7.71 -22.09
N THR D 12 -9.69 6.42 -22.19
CA THR D 12 -8.58 5.90 -21.39
C THR D 12 -8.12 4.56 -21.95
N SER D 13 -6.82 4.27 -21.77
CA SER D 13 -6.33 2.94 -22.09
C SER D 13 -6.57 1.92 -20.98
N LEU D 14 -7.00 2.37 -19.80
CA LEU D 14 -7.28 1.47 -18.67
C LEU D 14 -8.60 0.72 -18.90
N LYS D 15 -8.61 -0.57 -18.59
CA LYS D 15 -9.78 -1.40 -18.87
C LYS D 15 -10.79 -1.27 -17.73
N VAL D 16 -12.03 -0.91 -18.09
CA VAL D 16 -13.07 -0.77 -17.08
C VAL D 16 -13.26 -2.08 -16.33
N TYR D 17 -13.45 -1.99 -15.03
CA TYR D 17 -13.74 -3.16 -14.19
C TYR D 17 -15.10 -2.97 -13.54
N GLN D 18 -15.95 -3.98 -13.63
CA GLN D 18 -17.25 -4.02 -12.96
C GLN D 18 -18.12 -2.82 -13.34
N GLY D 19 -18.11 -2.44 -14.62
CA GLY D 19 -18.96 -1.35 -15.09
C GLY D 19 -18.62 0.04 -14.60
N HIS D 20 -17.45 0.24 -13.97
CA HIS D 20 -17.05 1.55 -13.43
C HIS D 20 -16.38 2.38 -14.52
N THR D 21 -17.21 3.05 -15.32
CA THR D 21 -16.75 3.76 -16.50
C THR D 21 -16.20 5.13 -16.14
N LEU D 22 -15.24 5.58 -16.96
CA LEU D 22 -14.64 6.89 -16.76
C LEU D 22 -15.68 8.00 -16.91
N GLU D 23 -16.61 7.84 -17.85
CA GLU D 23 -17.63 8.87 -18.06
C GLU D 23 -18.47 9.08 -16.81
N LYS D 24 -18.82 8.00 -16.09
CA LYS D 24 -19.58 8.18 -14.85
C LYS D 24 -18.80 8.96 -13.81
N THR D 25 -17.48 8.76 -13.75
CA THR D 25 -16.70 9.49 -12.77
C THR D 25 -16.55 10.95 -13.16
N TYR D 26 -16.41 11.21 -14.46
CA TYR D 26 -16.33 12.61 -14.91
C TYR D 26 -17.64 13.36 -14.62
N MET D 27 -18.77 12.66 -14.58
CA MET D 27 -20.06 13.26 -14.25
C MET D 27 -20.34 13.28 -12.75
N GLY D 28 -19.45 12.72 -11.93
CA GLY D 28 -19.66 12.73 -10.49
C GLY D 28 -20.62 11.67 -9.98
N GLU D 29 -20.90 10.64 -10.78
CA GLU D 29 -21.89 9.64 -10.42
C GLU D 29 -21.31 8.34 -9.86
N ASP D 30 -20.03 8.04 -10.10
CA ASP D 30 -19.42 6.82 -9.56
C ASP D 30 -17.91 7.02 -9.55
N PHE D 31 -17.21 6.09 -8.93
CA PHE D 31 -15.74 6.08 -8.98
C PHE D 31 -15.27 5.21 -10.14
N PHE D 32 -14.01 5.42 -10.54
CA PHE D 32 -13.37 4.69 -11.63
C PHE D 32 -12.28 3.80 -11.04
N TRP D 33 -12.37 2.49 -11.29
CA TRP D 33 -11.24 1.60 -11.01
C TRP D 33 -10.14 1.85 -12.05
N ALA D 34 -8.93 2.16 -11.58
CA ALA D 34 -7.73 2.17 -12.43
C ALA D 34 -6.90 0.96 -12.02
N ILE D 35 -7.11 -0.16 -12.72
CA ILE D 35 -6.55 -1.45 -12.30
C ILE D 35 -5.07 -1.55 -12.70
N THR D 36 -4.19 -1.70 -11.71
CA THR D 36 -2.74 -1.86 -11.88
C THR D 36 -2.25 -0.96 -13.00
N PRO D 37 -2.24 0.36 -12.80
CA PRO D 37 -1.84 1.26 -13.90
C PRO D 37 -0.43 0.94 -14.37
N THR D 38 -0.24 0.91 -15.70
CA THR D 38 1.04 0.56 -16.28
C THR D 38 1.65 1.80 -16.93
N ALA D 39 2.99 1.85 -16.95
CA ALA D 39 3.67 2.96 -17.60
C ALA D 39 3.20 3.07 -19.05
N GLY D 40 2.82 4.28 -19.47
CA GLY D 40 2.25 4.50 -20.78
C GLY D 40 0.74 4.55 -20.82
N ASP D 41 0.06 4.10 -19.77
CA ASP D 41 -1.39 4.27 -19.72
C ASP D 41 -1.73 5.76 -19.65
N TYR D 42 -2.95 6.10 -20.08
CA TYR D 42 -3.39 7.50 -20.05
C TYR D 42 -4.89 7.60 -19.76
N ILE D 43 -5.27 8.76 -19.26
CA ILE D 43 -6.66 9.16 -19.13
C ILE D 43 -6.76 10.52 -19.82
N LEU D 44 -7.72 10.68 -20.74
CA LEU D 44 -7.79 11.88 -21.56
C LEU D 44 -9.18 12.52 -21.47
N PHE D 45 -9.21 13.85 -21.28
CA PHE D 45 -10.44 14.64 -21.31
C PHE D 45 -10.24 15.71 -22.37
N LYS D 46 -10.95 15.57 -23.48
CA LYS D 46 -10.84 16.51 -24.60
C LYS D 46 -12.10 17.38 -24.57
N PHE D 47 -11.94 18.65 -24.22
CA PHE D 47 -13.10 19.50 -23.98
C PHE D 47 -13.88 19.78 -25.27
N ASP D 48 -15.21 19.90 -25.15
CA ASP D 48 -16.06 20.19 -26.31
C ASP D 48 -15.77 21.57 -26.91
N LYS D 49 -15.41 22.53 -26.07
CA LYS D 49 -14.85 23.79 -26.52
C LYS D 49 -13.67 24.10 -25.62
N PRO D 50 -12.71 24.91 -26.09
CA PRO D 50 -11.56 25.27 -25.25
C PRO D 50 -12.01 25.92 -23.95
N VAL D 51 -11.33 25.58 -22.85
CA VAL D 51 -11.70 26.00 -21.51
C VAL D 51 -10.57 26.87 -20.95
N ASN D 52 -10.95 28.00 -20.36
CA ASN D 52 -10.04 28.80 -19.52
C ASN D 52 -10.08 28.19 -18.13
N VAL D 53 -9.04 27.42 -17.80
CA VAL D 53 -9.02 26.64 -16.57
C VAL D 53 -8.35 27.46 -15.47
N GLU D 54 -9.06 27.62 -14.35
CA GLU D 54 -8.48 28.23 -13.16
C GLU D 54 -7.65 27.22 -12.37
N SER D 55 -8.20 26.03 -12.14
CA SER D 55 -7.53 25.05 -11.30
C SER D 55 -8.10 23.67 -11.60
N TYR D 56 -7.44 22.66 -11.06
CA TYR D 56 -7.87 21.27 -11.22
C TYR D 56 -7.60 20.52 -9.93
N LEU D 57 -8.40 19.46 -9.74
CA LEU D 57 -8.28 18.58 -8.58
C LEU D 57 -8.65 17.17 -9.04
N PHE D 58 -7.72 16.23 -8.94
CA PHE D 58 -7.98 14.81 -9.15
C PHE D 58 -7.63 14.07 -7.86
N HIS D 59 -8.58 13.31 -7.34
CA HIS D 59 -8.43 12.64 -6.06
C HIS D 59 -8.60 11.14 -6.26
N SER D 60 -7.75 10.34 -5.60
CA SER D 60 -7.91 8.89 -5.53
C SER D 60 -7.75 8.41 -4.10
N GLY D 61 -8.18 7.17 -3.87
CA GLY D 61 -8.10 6.55 -2.55
C GLY D 61 -9.21 7.01 -1.63
N ASN D 62 -9.36 6.28 -0.52
CA ASN D 62 -10.27 6.74 0.53
C ASN D 62 -9.75 6.23 1.86
N GLN D 63 -10.52 6.51 2.91
CA GLN D 63 -10.05 6.22 4.26
C GLN D 63 -10.01 4.71 4.54
N GLU D 64 -10.94 3.95 3.97
CA GLU D 64 -10.92 2.50 4.18
C GLU D 64 -9.82 1.82 3.37
N HIS D 65 -9.41 2.41 2.25
CA HIS D 65 -8.38 1.83 1.37
C HIS D 65 -7.40 2.93 0.97
N PRO D 66 -6.58 3.40 1.92
CA PRO D 66 -5.69 4.54 1.62
C PRO D 66 -4.60 4.22 0.61
N GLY D 67 -4.26 2.94 0.42
CA GLY D 67 -3.30 2.56 -0.60
C GLY D 67 -3.84 2.51 -2.02
N ALA D 68 -5.16 2.57 -2.18
CA ALA D 68 -5.81 2.46 -3.50
C ALA D 68 -5.81 3.81 -4.23
N ILE D 69 -4.60 4.30 -4.52
CA ILE D 69 -4.40 5.63 -5.06
C ILE D 69 -3.69 5.55 -6.40
N LEU D 70 -3.86 6.61 -7.18
CA LEU D 70 -3.20 6.71 -8.47
C LEU D 70 -1.76 7.16 -8.24
N LEU D 71 -0.82 6.33 -8.67
CA LEU D 71 0.60 6.52 -8.39
C LEU D 71 1.35 6.78 -9.70
N ASN D 72 2.43 7.56 -9.61
CA ASN D 72 3.35 7.73 -10.74
C ASN D 72 2.62 8.27 -11.98
N THR D 73 1.84 9.33 -11.78
CA THR D 73 0.98 9.82 -12.85
C THR D 73 1.11 11.33 -12.92
N THR D 74 1.26 11.85 -14.13
CA THR D 74 1.45 13.28 -14.32
C THR D 74 0.14 13.92 -14.73
N VAL D 75 0.12 15.25 -14.75
CA VAL D 75 -0.98 16.04 -15.32
C VAL D 75 -0.39 16.86 -16.47
N ASP D 76 -0.85 16.56 -17.68
CA ASP D 76 -0.45 17.22 -18.94
C ASP D 76 -1.64 18.00 -19.50
N VAL D 77 -1.40 19.19 -20.03
CA VAL D 77 -2.46 19.94 -20.70
C VAL D 77 -2.00 20.36 -22.09
N LEU D 78 -2.96 20.38 -23.02
CA LEU D 78 -2.76 20.75 -24.42
C LEU D 78 -3.38 22.11 -24.66
N PRO D 79 -2.60 23.19 -24.72
CA PRO D 79 -3.18 24.51 -25.01
C PRO D 79 -3.78 24.58 -26.39
N LEU D 80 -4.80 25.44 -26.53
CA LEU D 80 -5.39 25.65 -27.85
C LEU D 80 -4.39 26.33 -28.79
N LYS D 81 -3.58 27.24 -28.26
CA LYS D 81 -2.64 27.99 -29.08
C LYS D 81 -1.27 27.33 -29.07
N SER D 82 -0.60 27.41 -30.22
CA SER D 82 0.78 26.95 -30.38
C SER D 82 1.78 28.11 -30.38
N ASP D 83 1.55 29.11 -31.24
CA ASP D 83 2.38 30.32 -31.24
C ASP D 83 2.12 31.11 -29.97
N SER D 84 2.60 30.58 -28.85
CA SER D 84 2.35 31.15 -27.54
C SER D 84 3.59 31.87 -27.03
N LEU D 85 3.34 32.93 -26.27
CA LEU D 85 4.29 33.40 -25.28
C LEU D 85 3.48 33.61 -24.01
N GLU D 86 3.68 34.71 -23.30
CA GLU D 86 2.95 35.01 -22.07
C GLU D 86 3.11 33.91 -21.02
N ILE D 87 4.15 33.09 -21.13
CA ILE D 87 4.43 32.04 -20.16
C ILE D 87 5.84 32.22 -19.63
N SER D 88 5.99 31.97 -18.32
CA SER D 88 7.27 32.10 -17.67
C SER D 88 8.26 31.04 -18.17
N LYS D 89 9.42 31.02 -17.52
CA LYS D 89 10.47 30.06 -17.85
C LYS D 89 10.19 28.69 -17.25
N GLU D 90 9.68 28.69 -16.02
CA GLU D 90 9.27 27.43 -15.41
C GLU D 90 8.29 26.70 -16.33
N THR D 91 7.29 27.41 -16.85
CA THR D 91 6.31 26.79 -17.73
C THR D 91 6.91 26.39 -19.08
N LYS D 92 7.75 27.24 -19.66
CA LYS D 92 8.37 26.83 -20.93
C LYS D 92 9.17 25.55 -20.78
N ASP D 93 9.77 25.31 -19.60
CA ASP D 93 10.60 24.12 -19.44
C ASP D 93 9.79 22.83 -19.39
N LYS D 94 8.47 22.92 -19.15
CA LYS D 94 7.58 21.78 -18.96
C LYS D 94 6.97 21.24 -20.25
N ARG D 95 7.30 21.83 -21.40
CA ARG D 95 6.69 21.42 -22.66
C ARG D 95 7.20 20.05 -23.10
N LEU D 96 6.33 19.29 -23.75
CA LEU D 96 6.64 17.94 -24.22
C LEU D 96 6.59 17.91 -25.75
N GLU D 97 7.12 16.82 -26.31
CA GLU D 97 7.28 16.68 -27.76
C GLU D 97 5.98 16.44 -28.52
N ASP D 98 4.83 16.34 -27.83
CA ASP D 98 3.54 16.28 -28.51
C ASP D 98 2.72 17.56 -28.33
N GLY D 99 3.33 18.62 -27.79
CA GLY D 99 2.65 19.88 -27.58
C GLY D 99 2.02 20.06 -26.20
N TYR D 100 1.87 18.97 -25.44
CA TYR D 100 1.36 19.08 -24.08
C TYR D 100 2.40 19.70 -23.15
N PHE D 101 1.91 20.33 -22.08
CA PHE D 101 2.75 20.89 -21.02
C PHE D 101 2.54 20.08 -19.75
N ARG D 102 3.60 19.43 -19.27
CA ARG D 102 3.53 18.63 -18.05
C ARG D 102 3.52 19.57 -16.86
N ILE D 103 2.32 19.96 -16.42
CA ILE D 103 2.21 21.02 -15.42
C ILE D 103 2.01 20.49 -14.01
N GLY D 104 1.71 19.20 -13.84
CA GLY D 104 1.44 18.73 -12.49
C GLY D 104 1.74 17.25 -12.36
N LYS D 105 1.49 16.72 -11.16
CA LYS D 105 1.67 15.29 -10.89
C LYS D 105 0.83 14.89 -9.68
N PHE D 106 0.45 13.62 -9.67
CA PHE D 106 -0.16 13.04 -8.49
C PHE D 106 0.90 12.88 -7.40
N GLU D 107 0.54 13.25 -6.18
CA GLU D 107 1.37 12.94 -5.02
C GLU D 107 0.44 12.51 -3.91
N TYR D 108 0.70 11.33 -3.34
CA TYR D 108 -0.14 10.77 -2.28
C TYR D 108 -1.58 10.58 -2.74
N GLY D 109 -1.78 10.26 -4.02
CA GLY D 109 -3.11 9.99 -4.54
C GLY D 109 -3.87 11.19 -5.05
N VAL D 110 -3.26 12.39 -5.04
CA VAL D 110 -3.96 13.63 -5.33
C VAL D 110 -3.11 14.47 -6.27
N ALA D 111 -3.73 14.96 -7.36
CA ALA D 111 -3.09 15.93 -8.24
C ALA D 111 -3.93 17.19 -8.20
N GLU D 112 -3.34 18.28 -7.72
CA GLU D 112 -4.08 19.53 -7.55
C GLU D 112 -3.20 20.68 -8.00
N GLY D 113 -3.79 21.67 -8.66
CA GLY D 113 -2.93 22.72 -9.16
C GLY D 113 -3.69 23.82 -9.88
N ILE D 114 -2.91 24.81 -10.28
CA ILE D 114 -3.36 25.92 -11.11
C ILE D 114 -2.71 25.76 -12.47
N VAL D 115 -3.37 26.30 -13.49
CA VAL D 115 -2.83 26.34 -14.84
C VAL D 115 -2.20 27.72 -15.04
N ASP D 116 -0.99 27.75 -15.60
CA ASP D 116 -0.38 29.02 -15.96
C ASP D 116 -1.31 29.75 -16.92
N PRO D 117 -1.74 30.99 -16.61
CA PRO D 117 -2.70 31.67 -17.49
C PRO D 117 -2.24 31.81 -18.93
N GLY D 118 -0.92 31.87 -19.18
CA GLY D 118 -0.44 31.94 -20.54
C GLY D 118 -0.80 30.75 -21.40
N LEU D 119 -1.08 29.59 -20.78
CA LEU D 119 -1.45 28.41 -21.53
C LEU D 119 -2.94 28.38 -21.89
N ASN D 120 -3.74 29.22 -21.27
CA ASN D 120 -5.18 29.21 -21.50
C ASN D 120 -5.52 29.85 -22.84
N PRO D 121 -6.57 29.36 -23.52
CA PRO D 121 -7.42 28.25 -23.06
C PRO D 121 -6.83 26.86 -23.37
N ILE D 122 -7.33 25.86 -22.64
CA ILE D 122 -6.88 24.48 -22.70
C ILE D 122 -7.86 23.66 -23.53
N SER D 123 -7.36 22.91 -24.52
CA SER D 123 -8.20 22.03 -25.31
C SER D 123 -8.35 20.64 -24.71
N ALA D 124 -7.38 20.21 -23.89
CA ALA D 124 -7.43 18.86 -23.35
C ALA D 124 -6.57 18.74 -22.10
N PHE D 125 -6.99 17.85 -21.21
CA PHE D 125 -6.26 17.43 -20.03
C PHE D 125 -5.88 15.97 -20.21
N ARG D 126 -4.65 15.61 -19.88
CA ARG D 126 -4.25 14.21 -19.95
C ARG D 126 -3.51 13.82 -18.68
N LEU D 127 -3.87 12.67 -18.11
CA LEU D 127 -3.16 12.07 -16.99
C LEU D 127 -2.31 10.95 -17.58
N SER D 128 -0.99 11.03 -17.39
CA SER D 128 -0.06 10.08 -18.00
C SER D 128 0.60 9.28 -16.90
N VAL D 129 0.52 7.96 -17.00
CA VAL D 129 1.17 7.07 -16.03
C VAL D 129 2.60 6.80 -16.52
N ILE D 130 3.59 7.01 -15.66
CA ILE D 130 4.99 6.90 -16.05
C ILE D 130 5.76 5.80 -15.30
N GLN D 131 5.12 5.10 -14.36
CA GLN D 131 5.67 3.89 -13.73
C GLN D 131 4.54 2.92 -13.42
N ASN D 132 4.84 1.61 -13.38
CA ASN D 132 3.83 0.63 -13.01
C ASN D 132 3.50 0.71 -11.53
N SER D 133 2.26 0.38 -11.19
CA SER D 133 1.93 0.07 -9.82
C SER D 133 1.02 -1.16 -9.81
N ALA D 134 0.99 -1.83 -8.66
CA ALA D 134 0.25 -3.07 -8.50
C ALA D 134 -1.10 -2.85 -7.82
N VAL D 135 -1.45 -1.60 -7.51
CA VAL D 135 -2.67 -1.32 -6.78
C VAL D 135 -3.85 -1.26 -7.74
N TRP D 136 -5.07 -1.28 -7.18
CA TRP D 136 -6.27 -0.87 -7.89
C TRP D 136 -6.59 0.52 -7.37
N ALA D 137 -6.35 1.55 -8.19
CA ALA D 137 -6.63 2.91 -7.74
C ALA D 137 -8.12 3.22 -7.80
N ILE D 138 -8.64 3.88 -6.77
CA ILE D 138 -10.03 4.33 -6.73
C ILE D 138 -9.99 5.81 -7.11
N LEU D 139 -10.22 6.12 -8.39
CA LEU D 139 -10.28 7.50 -8.85
C LEU D 139 -11.69 8.00 -8.56
N ASN D 140 -11.85 8.83 -7.52
CA ASN D 140 -13.20 9.16 -7.08
C ASN D 140 -13.59 10.63 -7.20
N GLU D 141 -12.66 11.53 -7.51
CA GLU D 141 -12.99 12.94 -7.77
C GLU D 141 -12.25 13.43 -9.01
N ILE D 142 -13.00 14.04 -9.92
CA ILE D 142 -12.44 14.78 -11.05
C ILE D 142 -13.08 16.16 -11.05
N HIS D 143 -12.26 17.21 -10.89
CA HIS D 143 -12.76 18.59 -10.86
C HIS D 143 -11.85 19.48 -11.69
N ILE D 144 -12.42 20.05 -12.76
CA ILE D 144 -11.73 21.05 -13.58
C ILE D 144 -12.54 22.34 -13.45
N LYS D 145 -11.94 23.36 -12.83
CA LYS D 145 -12.61 24.60 -12.49
C LYS D 145 -12.34 25.64 -13.56
N LYS D 146 -13.40 26.23 -14.10
CA LYS D 146 -13.29 27.34 -15.03
C LYS D 146 -12.91 28.63 -14.30
N VAL D 147 -12.34 29.58 -15.03
CA VAL D 147 -12.10 30.91 -14.48
C VAL D 147 -13.41 31.70 -14.47
N THR D 148 -13.72 32.32 -13.33
CA THR D 148 -14.96 33.07 -13.12
C THR D 148 -16.22 32.20 -13.33
N GLY E 4 19.98 13.60 22.88
CA GLY E 4 18.71 12.94 23.12
C GLY E 4 17.50 13.60 22.48
N ASN E 5 16.39 12.85 22.34
CA ASN E 5 15.17 13.40 21.77
C ASN E 5 14.28 13.99 22.86
N PRO E 6 13.35 14.88 22.50
CA PRO E 6 12.40 15.38 23.50
C PRO E 6 11.53 14.25 24.03
N PRO E 7 11.25 14.23 25.33
CA PRO E 7 10.39 13.17 25.87
C PRO E 7 9.05 13.15 25.15
N ALA E 8 8.57 11.94 24.85
CA ALA E 8 7.43 11.78 23.97
C ALA E 8 6.82 10.40 24.18
N GLU E 9 5.50 10.34 24.06
CA GLU E 9 4.79 9.08 23.94
C GLU E 9 4.94 8.57 22.51
N VAL E 10 5.49 7.38 22.33
CA VAL E 10 5.74 6.86 20.98
C VAL E 10 4.83 5.67 20.75
N SER E 11 4.28 5.57 19.52
CA SER E 11 3.39 4.46 19.15
C SER E 11 3.50 4.20 17.66
N THR E 12 2.96 3.07 17.24
CA THR E 12 3.01 2.70 15.82
C THR E 12 2.00 1.59 15.58
N SER E 13 1.49 1.54 14.34
CA SER E 13 0.63 0.44 13.90
C SER E 13 1.45 -0.76 13.42
N LEU E 14 2.77 -0.60 13.28
CA LEU E 14 3.63 -1.69 12.87
C LEU E 14 3.85 -2.64 14.04
N LYS E 15 3.87 -3.93 13.76
CA LYS E 15 4.01 -4.92 14.82
C LYS E 15 5.48 -5.16 15.11
N VAL E 16 5.83 -5.11 16.40
CA VAL E 16 7.22 -5.27 16.82
C VAL E 16 7.70 -6.68 16.46
N TYR E 17 8.95 -6.78 16.04
CA TYR E 17 9.57 -8.07 15.70
C TYR E 17 10.78 -8.28 16.59
N GLN E 18 10.84 -9.45 17.24
CA GLN E 18 11.99 -9.87 18.05
C GLN E 18 12.36 -8.83 19.11
N GLY E 19 11.35 -8.25 19.75
CA GLY E 19 11.57 -7.34 20.87
C GLY E 19 12.17 -6.00 20.51
N HIS E 20 12.26 -5.66 19.23
CA HIS E 20 12.81 -4.38 18.76
C HIS E 20 11.72 -3.31 18.82
N THR E 21 11.61 -2.65 19.98
CA THR E 21 10.52 -1.74 20.23
C THR E 21 10.86 -0.35 19.73
N LEU E 22 9.83 0.39 19.35
CA LEU E 22 10.03 1.77 18.92
C LEU E 22 10.64 2.60 20.04
N GLU E 23 10.23 2.38 21.30
CA GLU E 23 10.74 3.21 22.39
C GLU E 23 12.26 3.07 22.54
N LYS E 24 12.79 1.85 22.44
CA LYS E 24 14.23 1.65 22.51
C LYS E 24 14.95 2.41 21.41
N THR E 25 14.35 2.47 20.22
CA THR E 25 14.97 3.21 19.11
C THR E 25 14.88 4.71 19.35
N TYR E 26 13.75 5.16 19.89
CA TYR E 26 13.61 6.58 20.20
C TYR E 26 14.61 7.02 21.24
N MET E 27 15.05 6.10 22.10
CA MET E 27 16.05 6.39 23.12
C MET E 27 17.46 6.12 22.65
N GLY E 28 17.66 5.69 21.40
CA GLY E 28 18.98 5.42 20.87
C GLY E 28 19.61 4.13 21.31
N GLU E 29 18.82 3.13 21.70
CA GLU E 29 19.39 1.93 22.29
C GLU E 29 19.31 0.69 21.40
N ASP E 30 18.48 0.71 20.36
CA ASP E 30 18.34 -0.42 19.45
C ASP E 30 17.65 0.08 18.20
N PHE E 31 17.71 -0.70 17.15
CA PHE E 31 16.99 -0.34 15.95
C PHE E 31 15.57 -0.90 16.01
N PHE E 32 14.74 -0.40 15.09
CA PHE E 32 13.35 -0.80 14.97
C PHE E 32 13.15 -1.51 13.64
N TRP E 33 12.66 -2.76 13.67
CA TRP E 33 12.19 -3.42 12.46
C TRP E 33 10.85 -2.81 12.05
N ALA E 34 10.74 -2.32 10.82
CA ALA E 34 9.47 -1.92 10.23
C ALA E 34 9.20 -2.96 9.14
N ILE E 35 8.48 -4.01 9.52
CA ILE E 35 8.30 -5.20 8.70
C ILE E 35 7.19 -4.97 7.67
N THR E 36 7.53 -5.11 6.39
CA THR E 36 6.61 -4.96 5.26
C THR E 36 5.63 -3.83 5.49
N PRO E 37 6.07 -2.58 5.48
CA PRO E 37 5.16 -1.45 5.72
C PRO E 37 4.02 -1.44 4.71
N THR E 38 2.84 -1.15 5.22
CA THR E 38 1.60 -1.16 4.47
C THR E 38 1.02 0.25 4.46
N ALA E 39 0.41 0.62 3.33
CA ALA E 39 -0.24 1.93 3.23
C ALA E 39 -1.19 2.13 4.40
N GLY E 40 -1.11 3.31 5.02
CA GLY E 40 -1.87 3.60 6.22
C GLY E 40 -1.14 3.35 7.53
N ASP E 41 -0.05 2.57 7.49
CA ASP E 41 0.76 2.42 8.70
C ASP E 41 1.29 3.79 9.13
N TYR E 42 1.58 3.93 10.42
CA TYR E 42 2.11 5.19 10.94
C TYR E 42 3.06 4.88 12.09
N ILE E 43 3.94 5.85 12.34
CA ILE E 43 4.80 5.89 13.51
C ILE E 43 4.64 7.29 14.11
N LEU E 44 4.27 7.37 15.38
CA LEU E 44 3.82 8.61 16.00
C LEU E 44 4.65 8.94 17.24
N PHE E 45 5.08 10.21 17.34
CA PHE E 45 5.83 10.74 18.47
C PHE E 45 5.08 11.95 19.03
N LYS E 46 4.40 11.79 20.18
CA LYS E 46 3.63 12.87 20.81
C LYS E 46 4.45 13.46 21.96
N PHE E 47 4.96 14.67 21.78
CA PHE E 47 5.89 15.23 22.76
C PHE E 47 5.18 15.53 24.09
N ASP E 48 5.89 15.30 25.21
CA ASP E 48 5.31 15.57 26.53
C ASP E 48 4.97 17.05 26.70
N LYS E 49 5.70 17.93 26.01
CA LYS E 49 5.38 19.34 25.96
C LYS E 49 5.64 19.83 24.54
N PRO E 50 4.98 20.89 24.10
CA PRO E 50 5.25 21.43 22.76
C PRO E 50 6.73 21.77 22.60
N VAL E 51 7.28 21.42 21.45
CA VAL E 51 8.71 21.54 21.19
C VAL E 51 8.93 22.52 20.06
N ASN E 52 9.82 23.49 20.25
CA ASN E 52 10.23 24.33 19.13
C ASN E 52 11.34 23.58 18.39
N VAL E 53 10.98 23.03 17.23
CA VAL E 53 11.85 22.10 16.51
C VAL E 53 12.67 22.86 15.48
N GLU E 54 13.99 22.70 15.56
CA GLU E 54 14.89 23.25 14.56
C GLU E 54 14.92 22.36 13.32
N SER E 55 15.15 21.07 13.52
CA SER E 55 15.40 20.15 12.40
C SER E 55 15.14 18.72 12.85
N TYR E 56 15.04 17.82 11.86
CA TYR E 56 14.80 16.41 12.13
C TYR E 56 15.64 15.54 11.19
N LEU E 57 15.97 14.35 11.69
CA LEU E 57 16.65 13.31 10.93
C LEU E 57 16.07 11.96 11.31
N PHE E 58 15.58 11.21 10.33
CA PHE E 58 15.20 9.81 10.50
C PHE E 58 16.00 9.00 9.49
N HIS E 59 16.74 8.00 9.97
CA HIS E 59 17.62 7.21 9.10
C HIS E 59 17.18 5.75 9.10
N SER E 60 17.12 5.15 7.92
CA SER E 60 16.83 3.74 7.79
C SER E 60 17.85 3.11 6.86
N GLY E 61 18.03 1.80 6.98
CA GLY E 61 19.05 1.08 6.25
C GLY E 61 20.44 1.24 6.85
N ASN E 62 21.34 0.35 6.42
CA ASN E 62 22.74 0.44 6.82
C ASN E 62 23.59 -0.21 5.73
N GLN E 63 24.91 -0.23 5.95
CA GLN E 63 25.82 -0.62 4.87
C GLN E 63 25.75 -2.12 4.57
N GLU E 64 25.44 -2.93 5.58
CA GLU E 64 25.26 -4.37 5.34
C GLU E 64 23.97 -4.65 4.57
N HIS E 65 22.93 -3.86 4.79
CA HIS E 65 21.63 -4.08 4.15
C HIS E 65 21.12 -2.74 3.62
N PRO E 66 21.74 -2.22 2.56
CA PRO E 66 21.39 -0.85 2.12
C PRO E 66 19.99 -0.75 1.54
N GLY E 67 19.38 -1.87 1.14
CA GLY E 67 18.01 -1.84 0.65
C GLY E 67 16.95 -2.00 1.73
N ALA E 68 17.35 -2.13 2.99
CA ALA E 68 16.41 -2.31 4.11
C ALA E 68 15.98 -0.94 4.64
N ILE E 69 15.26 -0.21 3.78
CA ILE E 69 15.02 1.20 4.03
C ILE E 69 13.52 1.45 4.03
N LEU E 70 13.10 2.50 4.73
CA LEU E 70 11.71 2.96 4.71
C LEU E 70 11.45 3.67 3.39
N LEU E 71 10.40 3.24 2.71
CA LEU E 71 10.06 3.72 1.37
C LEU E 71 8.66 4.33 1.38
N ASN E 72 8.46 5.31 0.52
CA ASN E 72 7.17 5.97 0.31
C ASN E 72 6.47 6.28 1.64
N THR E 73 7.20 7.05 2.46
CA THR E 73 6.78 7.46 3.80
C THR E 73 7.04 8.95 3.93
N THR E 74 6.10 9.65 4.55
CA THR E 74 6.17 11.11 4.70
C THR E 74 6.52 11.47 6.13
N VAL E 75 6.82 12.76 6.33
CA VAL E 75 7.05 13.33 7.65
C VAL E 75 6.00 14.42 7.82
N ASP E 76 5.09 14.22 8.78
CA ASP E 76 4.00 15.13 9.10
C ASP E 76 4.15 15.65 10.53
N VAL E 77 3.83 16.92 10.76
CA VAL E 77 3.96 17.51 12.08
C VAL E 77 2.65 18.20 12.46
N LEU E 78 2.28 18.11 13.73
CA LEU E 78 1.05 18.73 14.20
C LEU E 78 1.46 19.94 15.04
N PRO E 79 1.17 21.16 14.59
CA PRO E 79 1.53 22.31 15.42
C PRO E 79 0.65 22.38 16.65
N LEU E 80 1.20 22.96 17.72
CA LEU E 80 0.40 23.25 18.90
C LEU E 80 -0.78 24.14 18.55
N LYS E 81 -0.54 25.21 17.76
CA LYS E 81 -1.57 26.19 17.46
C LYS E 81 -2.48 25.68 16.36
N SER E 82 -3.79 25.69 16.62
CA SER E 82 -4.75 25.14 15.67
C SER E 82 -5.09 26.13 14.57
N ASP E 83 -4.97 27.43 14.83
CA ASP E 83 -5.22 28.45 13.83
C ASP E 83 -3.97 29.29 13.57
N LEU E 85 -1.34 30.59 12.48
CA LEU E 85 -1.12 31.97 12.05
C LEU E 85 0.00 32.12 11.03
N GLU E 86 1.21 32.37 11.53
CA GLU E 86 2.27 33.06 10.77
C GLU E 86 3.06 32.07 9.92
N ILE E 87 2.41 31.58 8.87
CA ILE E 87 3.06 30.69 7.92
C ILE E 87 2.78 31.20 6.51
N SER E 88 3.60 30.73 5.59
CA SER E 88 3.52 31.10 4.19
C SER E 88 2.43 30.32 3.47
N LYS E 89 2.05 30.81 2.28
CA LYS E 89 1.09 30.09 1.46
C LYS E 89 1.61 28.70 1.10
N GLU E 90 2.92 28.56 0.86
CA GLU E 90 3.48 27.26 0.51
C GLU E 90 3.39 26.28 1.69
N THR E 91 3.58 26.77 2.92
CA THR E 91 3.39 25.91 4.08
C THR E 91 1.91 25.56 4.27
N LYS E 92 1.01 26.54 4.06
CA LYS E 92 -0.43 26.26 4.14
C LYS E 92 -0.87 25.22 3.12
N ASP E 93 -0.22 25.18 1.95
CA ASP E 93 -0.55 24.16 0.96
C ASP E 93 -0.16 22.75 1.41
N LYS E 94 0.65 22.61 2.46
CA LYS E 94 1.04 21.30 2.94
C LYS E 94 0.12 20.77 4.04
N ARG E 95 -0.88 21.55 4.45
CA ARG E 95 -1.76 21.14 5.53
C ARG E 95 -2.61 19.96 5.08
N LEU E 96 -2.65 18.93 5.93
CA LEU E 96 -3.53 17.79 5.72
C LEU E 96 -4.89 18.07 6.37
N GLU E 97 -5.87 17.26 5.99
CA GLU E 97 -7.23 17.40 6.44
C GLU E 97 -7.37 17.08 7.93
N ASP E 98 -6.43 16.31 8.50
CA ASP E 98 -6.39 16.03 9.93
C ASP E 98 -5.60 17.07 10.74
N GLY E 99 -5.20 18.19 10.12
CA GLY E 99 -4.51 19.23 10.84
C GLY E 99 -3.00 19.09 10.87
N TYR E 100 -2.45 17.94 10.48
CA TYR E 100 -1.00 17.83 10.31
C TYR E 100 -0.54 18.58 9.07
N PHE E 101 0.73 18.94 9.07
CA PHE E 101 1.41 19.51 7.92
C PHE E 101 2.45 18.52 7.39
N ARG E 102 2.35 18.20 6.10
CA ARG E 102 3.20 17.22 5.43
C ARG E 102 4.44 17.97 4.96
N ILE E 103 5.46 17.98 5.80
CA ILE E 103 6.61 18.85 5.58
C ILE E 103 7.82 18.12 5.03
N GLY E 104 7.81 16.79 5.02
CA GLY E 104 8.99 16.09 4.54
C GLY E 104 8.64 14.70 4.02
N LYS E 105 9.67 13.99 3.60
CA LYS E 105 9.49 12.65 3.02
C LYS E 105 10.82 11.91 3.05
N PHE E 106 10.74 10.58 3.19
CA PHE E 106 11.93 9.75 3.06
C PHE E 106 12.37 9.71 1.59
N GLU E 107 13.68 9.83 1.37
CA GLU E 107 14.26 9.59 0.05
C GLU E 107 15.55 8.80 0.26
N TYR E 108 15.67 7.67 -0.43
CA TYR E 108 16.80 6.76 -0.24
C TYR E 108 16.94 6.31 1.22
N GLY E 109 15.80 6.15 1.90
CA GLY E 109 15.82 5.68 3.28
C GLY E 109 16.05 6.74 4.34
N VAL E 110 16.21 8.00 3.96
CA VAL E 110 16.53 9.06 4.90
C VAL E 110 15.52 10.18 4.77
N ALA E 111 15.01 10.68 5.89
CA ALA E 111 14.15 11.86 5.89
C ALA E 111 14.82 12.91 6.77
N GLU E 112 15.11 14.08 6.19
CA GLU E 112 15.88 15.08 6.90
C GLU E 112 15.35 16.45 6.51
N GLY E 113 15.29 17.37 7.46
CA GLY E 113 14.71 18.64 7.08
C GLY E 113 14.59 19.62 8.23
N ILE E 114 14.07 20.79 7.87
CA ILE E 114 13.82 21.90 8.78
C ILE E 114 12.31 22.02 8.94
N VAL E 115 11.88 22.54 10.08
CA VAL E 115 10.49 22.93 10.30
C VAL E 115 10.38 24.43 10.06
N ASP E 116 9.40 24.87 9.29
CA ASP E 116 9.19 26.31 9.19
C ASP E 116 8.85 26.86 10.57
N PRO E 117 9.59 27.88 11.07
CA PRO E 117 9.31 28.44 12.41
C PRO E 117 7.87 28.87 12.66
N GLY E 118 7.12 29.19 11.58
CA GLY E 118 5.71 29.50 11.74
C GLY E 118 4.88 28.36 12.30
N LEU E 119 5.36 27.13 12.15
CA LEU E 119 4.65 25.98 12.69
C LEU E 119 4.99 25.70 14.15
N ASN E 120 6.14 26.18 14.62
CA ASN E 120 6.56 25.91 15.99
C ASN E 120 5.67 26.66 16.99
N PRO E 121 5.44 26.08 18.19
CA PRO E 121 5.97 24.77 18.61
C PRO E 121 5.16 23.58 18.05
N ILE E 122 5.78 22.39 18.08
CA ILE E 122 5.24 21.17 17.50
C ILE E 122 4.75 20.26 18.64
N SER E 123 3.52 19.74 18.53
CA SER E 123 2.98 18.79 19.50
C SER E 123 3.34 17.35 19.16
N ALA E 124 3.48 17.01 17.87
CA ALA E 124 3.72 15.63 17.47
C ALA E 124 4.37 15.57 16.09
N PHE E 125 5.20 14.54 15.90
CA PHE E 125 5.72 14.14 14.60
C PHE E 125 5.07 12.82 14.21
N ARG E 126 4.75 12.66 12.92
CA ARG E 126 4.19 11.41 12.46
C ARG E 126 4.82 11.02 11.13
N LEU E 127 5.24 9.76 11.03
CA LEU E 127 5.70 9.17 9.78
C LEU E 127 4.56 8.34 9.22
N SER E 128 4.13 8.66 8.00
CA SER E 128 2.95 8.08 7.39
C SER E 128 3.36 7.26 6.17
N VAL E 129 3.04 5.96 6.19
CA VAL E 129 3.38 5.11 5.06
C VAL E 129 2.29 5.28 4.00
N ILE E 130 2.71 5.56 2.76
CA ILE E 130 1.79 5.91 1.69
C ILE E 130 1.54 4.71 0.77
N GLN E 131 2.57 3.88 0.55
CA GLN E 131 2.43 2.70 -0.30
C GLN E 131 3.03 1.49 0.41
N ASN E 132 2.51 0.32 0.05
CA ASN E 132 3.07 -0.93 0.58
C ASN E 132 4.51 -1.12 0.10
N SER E 133 5.29 -1.84 0.89
CA SER E 133 6.54 -2.38 0.42
C SER E 133 6.78 -3.73 1.07
N ALA E 134 7.62 -4.54 0.43
CA ALA E 134 7.93 -5.89 0.88
C ALA E 134 9.22 -5.96 1.67
N VAL E 135 9.92 -4.84 1.83
CA VAL E 135 11.16 -4.88 2.58
C VAL E 135 10.87 -4.99 4.06
N TRP E 136 11.88 -5.44 4.79
CA TRP E 136 11.98 -5.24 6.23
C TRP E 136 12.89 -4.03 6.41
N ALA E 137 12.29 -2.87 6.66
CA ALA E 137 13.08 -1.67 6.82
C ALA E 137 13.74 -1.64 8.19
N ILE E 138 14.97 -1.12 8.25
CA ILE E 138 15.66 -0.98 9.52
C ILE E 138 15.66 0.51 9.87
N LEU E 139 14.83 0.92 10.82
CA LEU E 139 14.83 2.31 11.28
C LEU E 139 15.83 2.43 12.42
N ASN E 140 16.97 3.09 12.18
CA ASN E 140 18.03 3.03 13.17
C ASN E 140 18.52 4.37 13.69
N GLU E 141 17.97 5.50 13.24
CA GLU E 141 18.25 6.77 13.90
C GLU E 141 17.03 7.67 13.85
N ILE E 142 16.71 8.23 15.00
CA ILE E 142 15.68 9.26 15.15
C ILE E 142 16.34 10.41 15.89
N HIS E 143 16.38 11.59 15.26
CA HIS E 143 16.93 12.78 15.89
C HIS E 143 15.97 13.93 15.68
N ILE E 144 15.43 14.45 16.75
CA ILE E 144 14.60 15.64 16.71
C ILE E 144 15.36 16.68 17.51
N LYS E 145 15.86 17.71 16.83
CA LYS E 145 16.73 18.70 17.44
C LYS E 145 15.94 19.98 17.71
N LYS E 146 15.98 20.45 18.96
CA LYS E 146 15.28 21.65 19.37
C LYS E 146 16.06 22.91 18.96
N VAL E 147 15.39 24.06 19.00
CA VAL E 147 15.98 25.31 18.52
C VAL E 147 17.10 25.80 19.44
N THR E 148 17.00 25.58 20.74
CA THR E 148 18.10 25.97 21.63
C THR E 148 19.08 24.84 21.80
N GLY F 4 -5.03 -32.22 2.13
CA GLY F 4 -5.18 -31.40 0.94
C GLY F 4 -6.52 -31.57 0.24
N ASN F 5 -6.85 -30.62 -0.64
CA ASN F 5 -8.10 -30.68 -1.39
C ASN F 5 -7.94 -31.58 -2.62
N PRO F 6 -9.03 -32.13 -3.14
CA PRO F 6 -8.93 -32.94 -4.36
C PRO F 6 -8.33 -32.13 -5.50
N PRO F 7 -7.44 -32.73 -6.28
CA PRO F 7 -6.81 -31.99 -7.39
C PRO F 7 -7.86 -31.39 -8.33
N ALA F 8 -7.66 -30.13 -8.68
CA ALA F 8 -8.68 -29.42 -9.44
C ALA F 8 -8.07 -28.25 -10.19
N GLU F 9 -8.77 -27.83 -11.24
CA GLU F 9 -8.52 -26.57 -11.91
C GLU F 9 -9.50 -25.53 -11.38
N VAL F 10 -8.98 -24.39 -10.93
CA VAL F 10 -9.80 -23.39 -10.27
C VAL F 10 -9.82 -22.13 -11.12
N SER F 11 -10.92 -21.39 -11.05
CA SER F 11 -11.04 -20.17 -11.86
C SER F 11 -12.09 -19.27 -11.25
N THR F 12 -12.06 -17.99 -11.63
CA THR F 12 -12.99 -17.07 -11.00
C THR F 12 -13.12 -15.83 -11.89
N SER F 13 -14.30 -15.24 -11.89
CA SER F 13 -14.48 -13.94 -12.53
C SER F 13 -13.95 -12.79 -11.68
N LEU F 14 -13.58 -13.05 -10.42
CA LEU F 14 -13.01 -12.00 -9.57
C LEU F 14 -11.54 -11.80 -9.91
N LYS F 15 -11.16 -10.58 -10.32
CA LYS F 15 -9.80 -10.36 -10.78
C LYS F 15 -8.80 -10.52 -9.63
N VAL F 16 -7.64 -11.12 -9.94
CA VAL F 16 -6.62 -11.34 -8.91
C VAL F 16 -6.08 -10.01 -8.42
N TYR F 17 -5.92 -9.89 -7.09
CA TYR F 17 -5.46 -8.65 -6.47
C TYR F 17 -4.12 -8.84 -5.77
N GLN F 18 -3.11 -8.12 -6.25
CA GLN F 18 -1.77 -8.10 -5.65
C GLN F 18 -1.22 -9.51 -5.41
N GLY F 19 -1.32 -10.36 -6.43
CA GLY F 19 -0.70 -11.68 -6.40
C GLY F 19 -1.48 -12.79 -5.70
N HIS F 20 -2.59 -12.49 -5.06
CA HIS F 20 -3.32 -13.49 -4.29
C HIS F 20 -4.21 -14.30 -5.23
N THR F 21 -3.60 -15.30 -5.87
CA THR F 21 -4.33 -16.13 -6.81
C THR F 21 -5.22 -17.12 -6.09
N LEU F 22 -6.29 -17.54 -6.79
CA LEU F 22 -7.21 -18.53 -6.23
C LEU F 22 -6.54 -19.89 -6.10
N GLU F 23 -5.62 -20.22 -6.99
CA GLU F 23 -4.91 -21.50 -6.89
C GLU F 23 -4.11 -21.60 -5.60
N LYS F 24 -3.39 -20.54 -5.25
CA LYS F 24 -2.64 -20.55 -4.00
C LYS F 24 -3.56 -20.79 -2.81
N THR F 25 -4.77 -20.23 -2.85
CA THR F 25 -5.73 -20.47 -1.78
C THR F 25 -6.23 -21.90 -1.78
N TYR F 26 -6.56 -22.45 -2.95
CA TYR F 26 -7.01 -23.83 -3.00
C TYR F 26 -5.93 -24.81 -2.51
N MET F 27 -4.66 -24.43 -2.56
CA MET F 27 -3.57 -25.26 -2.08
C MET F 27 -3.21 -24.99 -0.62
N GLY F 28 -3.83 -23.99 0.01
CA GLY F 28 -3.55 -23.67 1.40
C GLY F 28 -2.36 -22.76 1.65
N GLU F 29 -1.88 -22.08 0.61
CA GLU F 29 -0.65 -21.30 0.69
C GLU F 29 -0.87 -19.83 0.99
N ASP F 30 -2.02 -19.27 0.59
CA ASP F 30 -2.28 -17.84 0.73
C ASP F 30 -3.80 -17.65 0.65
N PHE F 31 -4.27 -16.47 1.05
CA PHE F 31 -5.68 -16.16 0.95
C PHE F 31 -5.98 -15.42 -0.35
N PHE F 32 -7.27 -15.35 -0.67
CA PHE F 32 -7.76 -14.80 -1.93
C PHE F 32 -8.53 -13.53 -1.68
N TRP F 33 -8.16 -12.44 -2.36
CA TRP F 33 -8.92 -11.20 -2.29
C TRP F 33 -10.09 -11.26 -3.28
N ALA F 34 -11.30 -11.04 -2.79
CA ALA F 34 -12.52 -11.00 -3.61
C ALA F 34 -13.08 -9.60 -3.48
N ILE F 35 -12.66 -8.72 -4.39
CA ILE F 35 -12.89 -7.29 -4.25
C ILE F 35 -14.29 -6.93 -4.75
N THR F 36 -15.09 -6.29 -3.89
CA THR F 36 -16.44 -5.80 -4.21
C THR F 36 -17.18 -6.77 -5.13
N PRO F 37 -17.49 -7.98 -4.66
CA PRO F 37 -18.15 -8.99 -5.51
C PRO F 37 -19.43 -8.46 -6.16
N THR F 38 -19.67 -8.83 -7.41
CA THR F 38 -20.86 -8.41 -8.13
C THR F 38 -21.75 -9.59 -8.40
N ALA F 39 -23.05 -9.29 -8.46
CA ALA F 39 -24.03 -10.31 -8.81
C ALA F 39 -23.62 -10.97 -10.12
N GLY F 40 -23.60 -12.30 -10.12
CA GLY F 40 -23.15 -13.04 -11.26
C GLY F 40 -21.68 -13.43 -11.22
N ASP F 41 -20.88 -12.87 -10.31
CA ASP F 41 -19.51 -13.36 -10.16
C ASP F 41 -19.56 -14.80 -9.65
N TYR F 42 -18.50 -15.54 -9.94
CA TYR F 42 -18.41 -16.92 -9.49
C TYR F 42 -16.98 -17.28 -9.13
N ILE F 43 -16.86 -18.36 -8.36
CA ILE F 43 -15.60 -19.05 -8.08
C ILE F 43 -15.86 -20.52 -8.37
N LEU F 44 -15.03 -21.14 -9.19
CA LEU F 44 -15.28 -22.46 -9.73
C LEU F 44 -14.11 -23.39 -9.41
N PHE F 45 -14.43 -24.61 -8.99
CA PHE F 45 -13.43 -25.65 -8.74
C PHE F 45 -13.87 -26.87 -9.56
N LYS F 46 -13.14 -27.17 -10.64
CA LYS F 46 -13.43 -28.30 -11.52
C LYS F 46 -12.46 -29.42 -11.17
N PHE F 47 -12.97 -30.51 -10.60
CA PHE F 47 -12.10 -31.57 -10.12
C PHE F 47 -11.47 -32.32 -11.28
N ASP F 48 -10.18 -32.67 -11.15
CA ASP F 48 -9.52 -33.44 -12.20
C ASP F 48 -10.26 -34.76 -12.44
N LYS F 49 -10.70 -35.41 -11.37
CA LYS F 49 -11.59 -36.57 -11.48
C LYS F 49 -12.76 -36.37 -10.55
N PRO F 50 -13.91 -36.97 -10.86
CA PRO F 50 -15.08 -36.82 -9.99
C PRO F 50 -14.75 -37.29 -8.58
N VAL F 51 -15.39 -36.66 -7.60
CA VAL F 51 -15.04 -36.85 -6.20
C VAL F 51 -16.30 -37.19 -5.42
N ASN F 52 -16.22 -38.25 -4.61
CA ASN F 52 -17.25 -38.51 -3.60
C ASN F 52 -16.98 -37.57 -2.44
N VAL F 53 -17.83 -36.58 -2.26
CA VAL F 53 -17.58 -35.52 -1.29
C VAL F 53 -18.37 -35.80 -0.02
N GLU F 54 -17.64 -35.91 1.10
CA GLU F 54 -18.24 -35.94 2.42
C GLU F 54 -18.82 -34.58 2.80
N SER F 55 -17.96 -33.57 2.90
CA SER F 55 -18.34 -32.28 3.47
C SER F 55 -17.46 -31.19 2.88
N TYR F 56 -17.81 -29.94 3.18
CA TYR F 56 -17.06 -28.80 2.69
C TYR F 56 -17.04 -27.69 3.75
N LEU F 57 -15.93 -26.95 3.77
CA LEU F 57 -15.79 -25.75 4.59
C LEU F 57 -15.10 -24.65 3.79
N PHE F 58 -15.74 -23.48 3.71
CA PHE F 58 -15.15 -22.26 3.18
C PHE F 58 -15.21 -21.19 4.26
N HIS F 59 -14.08 -20.57 4.56
CA HIS F 59 -14.01 -19.50 5.53
C HIS F 59 -13.62 -18.19 4.85
N SER F 60 -14.32 -17.11 5.20
CA SER F 60 -13.91 -15.77 4.76
C SER F 60 -13.81 -14.84 5.96
N GLY F 61 -13.13 -13.71 5.76
CA GLY F 61 -12.71 -12.85 6.84
C GLY F 61 -11.52 -13.44 7.59
N ASN F 62 -10.91 -12.63 8.44
CA ASN F 62 -9.83 -13.14 9.29
C ASN F 62 -9.71 -12.27 10.55
N GLN F 63 -8.65 -12.51 11.31
CA GLN F 63 -8.54 -11.92 12.66
C GLN F 63 -8.51 -10.39 12.60
N GLU F 64 -7.72 -9.82 11.69
CA GLU F 64 -7.63 -8.36 11.59
C GLU F 64 -8.86 -7.78 10.91
N HIS F 65 -9.42 -8.50 9.94
CA HIS F 65 -10.58 -8.04 9.17
C HIS F 65 -11.67 -9.08 9.28
N PRO F 66 -12.43 -9.07 10.38
CA PRO F 66 -13.45 -10.11 10.57
C PRO F 66 -14.72 -9.84 9.79
N GLY F 67 -14.95 -8.59 9.38
CA GLY F 67 -16.06 -8.24 8.50
C GLY F 67 -15.73 -8.30 7.02
N ALA F 68 -14.55 -8.80 6.67
CA ALA F 68 -14.12 -8.93 5.27
C ALA F 68 -14.57 -10.27 4.71
N ILE F 69 -15.88 -10.46 4.67
CA ILE F 69 -16.49 -11.76 4.43
C ILE F 69 -17.20 -11.75 3.10
N LEU F 70 -17.42 -12.95 2.56
CA LEU F 70 -18.29 -13.12 1.40
C LEU F 70 -19.75 -13.02 1.84
N LEU F 71 -20.50 -12.17 1.15
CA LEU F 71 -21.90 -11.91 1.43
C LEU F 71 -22.74 -12.39 0.25
N ASN F 72 -23.95 -12.85 0.55
CA ASN F 72 -24.90 -13.26 -0.47
C ASN F 72 -24.24 -14.15 -1.52
N THR F 73 -23.53 -15.16 -1.04
CA THR F 73 -22.83 -16.11 -1.91
C THR F 73 -23.30 -17.51 -1.56
N THR F 74 -23.54 -18.33 -2.58
CA THR F 74 -24.07 -19.69 -2.42
C THR F 74 -22.99 -20.74 -2.66
N VAL F 75 -23.27 -21.98 -2.25
CA VAL F 75 -22.44 -23.15 -2.54
C VAL F 75 -23.28 -24.07 -3.42
N ASP F 76 -22.84 -24.25 -4.67
CA ASP F 76 -23.51 -25.05 -5.68
C ASP F 76 -22.60 -26.20 -6.08
N VAL F 77 -23.19 -27.38 -6.28
CA VAL F 77 -22.40 -28.53 -6.69
C VAL F 77 -23.00 -29.12 -7.94
N LEU F 78 -22.14 -29.56 -8.83
CA LEU F 78 -22.57 -30.15 -10.09
C LEU F 78 -22.29 -31.66 -10.06
N PRO F 79 -23.31 -32.50 -9.97
CA PRO F 79 -23.05 -33.95 -9.98
C PRO F 79 -22.50 -34.42 -11.31
N LEU F 80 -21.67 -35.46 -11.26
CA LEU F 80 -21.20 -36.12 -12.48
C LEU F 80 -22.37 -36.63 -13.31
N LYS F 81 -23.32 -37.32 -12.68
CA LYS F 81 -24.40 -37.91 -13.43
C LYS F 81 -25.50 -36.87 -13.69
N SER F 82 -26.44 -37.23 -14.57
CA SER F 82 -27.47 -36.31 -15.04
C SER F 82 -28.85 -36.56 -14.44
N ASP F 83 -29.06 -37.66 -13.73
CA ASP F 83 -30.24 -37.76 -12.87
C ASP F 83 -29.95 -38.65 -11.67
N SER F 84 -29.93 -38.03 -10.49
CA SER F 84 -29.94 -38.70 -9.20
C SER F 84 -29.11 -39.99 -9.11
N GLU F 86 -31.95 -41.29 -6.60
CA GLU F 86 -31.45 -41.58 -5.26
C GLU F 86 -31.33 -40.26 -4.49
N ILE F 87 -32.31 -39.36 -4.65
CA ILE F 87 -32.18 -38.02 -4.07
C ILE F 87 -33.51 -37.59 -3.46
N SER F 88 -33.44 -36.98 -2.28
CA SER F 88 -34.63 -36.55 -1.55
C SER F 88 -35.38 -35.46 -2.31
N LYS F 89 -36.65 -35.31 -1.95
CA LYS F 89 -37.46 -34.22 -2.52
C LYS F 89 -36.92 -32.87 -2.11
N GLU F 90 -36.37 -32.76 -0.90
CA GLU F 90 -35.76 -31.51 -0.46
C GLU F 90 -34.53 -31.18 -1.30
N THR F 91 -33.68 -32.17 -1.57
CA THR F 91 -32.54 -31.94 -2.44
C THR F 91 -32.99 -31.62 -3.86
N LYS F 92 -34.00 -32.34 -4.36
CA LYS F 92 -34.54 -32.06 -5.68
C LYS F 92 -35.04 -30.63 -5.80
N ASP F 93 -35.63 -30.08 -4.73
CA ASP F 93 -36.06 -28.69 -4.75
C ASP F 93 -34.89 -27.71 -4.88
N LYS F 94 -33.66 -28.15 -4.61
CA LYS F 94 -32.51 -27.26 -4.69
C LYS F 94 -31.88 -27.19 -6.08
N ARG F 95 -32.39 -27.96 -7.04
CA ARG F 95 -31.78 -27.99 -8.36
C ARG F 95 -32.06 -26.70 -9.13
N LEU F 96 -31.03 -26.14 -9.74
CA LEU F 96 -31.13 -24.94 -10.56
C LEU F 96 -31.27 -25.33 -12.05
N GLU F 97 -31.61 -24.33 -12.86
CA GLU F 97 -31.87 -24.56 -14.28
C GLU F 97 -30.68 -25.19 -14.98
N ASP F 98 -29.45 -24.86 -14.58
CA ASP F 98 -28.26 -25.35 -15.27
C ASP F 98 -27.75 -26.67 -14.74
N GLY F 99 -28.46 -27.33 -13.82
CA GLY F 99 -28.09 -28.65 -13.35
C GLY F 99 -27.28 -28.65 -12.07
N TYR F 100 -26.85 -27.48 -11.60
CA TYR F 100 -26.21 -27.39 -10.30
C TYR F 100 -27.25 -27.57 -9.20
N PHE F 101 -26.80 -28.02 -8.04
CA PHE F 101 -27.65 -28.10 -6.87
C PHE F 101 -27.16 -27.06 -5.86
N ARG F 102 -28.07 -26.17 -5.48
CA ARG F 102 -27.82 -25.03 -4.58
C ARG F 102 -27.93 -25.54 -3.14
N ILE F 103 -26.83 -26.11 -2.63
CA ILE F 103 -26.89 -26.88 -1.38
C ILE F 103 -26.38 -26.13 -0.16
N GLY F 104 -25.76 -24.96 -0.33
CA GLY F 104 -25.25 -24.24 0.82
C GLY F 104 -25.18 -22.75 0.54
N LYS F 105 -24.72 -22.00 1.55
CA LYS F 105 -24.48 -20.58 1.39
C LYS F 105 -23.55 -20.11 2.50
N PHE F 106 -22.88 -18.99 2.25
CA PHE F 106 -22.09 -18.35 3.29
C PHE F 106 -23.01 -17.71 4.31
N GLU F 107 -22.73 -17.95 5.58
CA GLU F 107 -23.49 -17.37 6.69
C GLU F 107 -22.48 -16.78 7.66
N TYR F 108 -22.50 -15.46 7.82
CA TYR F 108 -21.50 -14.74 8.63
C TYR F 108 -20.07 -15.06 8.18
N GLY F 109 -19.89 -15.27 6.88
CA GLY F 109 -18.58 -15.49 6.30
C GLY F 109 -18.11 -16.91 6.23
N VAL F 110 -18.92 -17.88 6.65
CA VAL F 110 -18.56 -19.28 6.65
C VAL F 110 -19.62 -20.07 5.90
N ALA F 111 -19.18 -20.92 4.99
CA ALA F 111 -20.06 -21.84 4.29
C ALA F 111 -19.60 -23.25 4.64
N GLU F 112 -20.45 -23.99 5.34
CA GLU F 112 -20.08 -25.32 5.78
C GLU F 112 -21.26 -26.24 5.58
N GLY F 113 -20.98 -27.49 5.27
CA GLY F 113 -22.09 -28.41 5.10
C GLY F 113 -21.64 -29.75 4.59
N ILE F 114 -22.64 -30.61 4.36
CA ILE F 114 -22.44 -31.93 3.84
C ILE F 114 -23.14 -32.02 2.50
N VAL F 115 -22.75 -33.03 1.72
CA VAL F 115 -23.38 -33.30 0.43
C VAL F 115 -24.34 -34.48 0.62
N ASP F 116 -25.58 -34.30 0.18
CA ASP F 116 -26.49 -35.44 0.04
C ASP F 116 -25.84 -36.50 -0.85
N PRO F 117 -25.57 -37.70 -0.32
CA PRO F 117 -24.73 -38.67 -1.08
C PRO F 117 -25.30 -39.09 -2.41
N GLY F 118 -26.62 -38.98 -2.63
CA GLY F 118 -27.16 -39.25 -3.94
C GLY F 118 -26.66 -38.30 -5.01
N LEU F 119 -26.15 -37.12 -4.60
CA LEU F 119 -25.51 -36.22 -5.53
C LEU F 119 -24.15 -36.74 -6.01
N ASN F 120 -23.47 -37.53 -5.18
CA ASN F 120 -22.11 -37.94 -5.47
C ASN F 120 -22.05 -38.92 -6.65
N PRO F 121 -20.92 -38.98 -7.37
CA PRO F 121 -19.72 -38.14 -7.22
C PRO F 121 -19.91 -36.74 -7.81
N ILE F 122 -19.12 -35.76 -7.38
CA ILE F 122 -19.27 -34.36 -7.78
C ILE F 122 -18.17 -34.00 -8.77
N SER F 123 -18.54 -33.30 -9.85
CA SER F 123 -17.58 -32.86 -10.87
C SER F 123 -17.02 -31.47 -10.59
N ALA F 124 -17.83 -30.58 -10.04
CA ALA F 124 -17.40 -29.21 -9.80
C ALA F 124 -18.16 -28.62 -8.62
N PHE F 125 -17.46 -27.75 -7.88
CA PHE F 125 -18.07 -26.86 -6.89
C PHE F 125 -18.11 -25.45 -7.49
N ARG F 126 -19.17 -24.71 -7.21
CA ARG F 126 -19.29 -23.34 -7.68
C ARG F 126 -19.82 -22.45 -6.55
N LEU F 127 -19.09 -21.39 -6.23
CA LEU F 127 -19.58 -20.36 -5.32
C LEU F 127 -20.15 -19.24 -6.18
N SER F 128 -21.44 -18.94 -5.99
CA SER F 128 -22.16 -18.01 -6.86
C SER F 128 -22.48 -16.74 -6.08
N VAL F 129 -22.01 -15.61 -6.57
CA VAL F 129 -22.35 -14.34 -5.94
C VAL F 129 -23.72 -13.91 -6.46
N ILE F 130 -24.68 -13.73 -5.54
CA ILE F 130 -26.09 -13.47 -5.88
C ILE F 130 -26.41 -11.97 -5.83
N GLN F 131 -25.73 -11.21 -4.97
CA GLN F 131 -26.01 -9.78 -4.85
C GLN F 131 -24.70 -9.01 -4.71
N ASN F 132 -24.71 -7.75 -5.17
CA ASN F 132 -23.52 -6.90 -5.06
C ASN F 132 -23.14 -6.69 -3.60
N SER F 133 -21.84 -6.50 -3.39
CA SER F 133 -21.28 -6.24 -2.07
C SER F 133 -20.16 -5.22 -2.23
N ALA F 134 -20.02 -4.32 -1.26
CA ALA F 134 -18.94 -3.33 -1.31
C ALA F 134 -17.71 -3.74 -0.53
N VAL F 135 -17.74 -4.87 0.17
CA VAL F 135 -16.60 -5.27 1.00
C VAL F 135 -15.46 -5.77 0.11
N TRP F 136 -14.23 -5.57 0.58
CA TRP F 136 -13.09 -6.28 0.01
C TRP F 136 -12.96 -7.59 0.79
N ALA F 137 -13.60 -8.64 0.28
CA ALA F 137 -13.71 -9.88 1.03
C ALA F 137 -12.41 -10.68 0.94
N ILE F 138 -12.17 -11.48 1.98
CA ILE F 138 -10.96 -12.29 2.11
C ILE F 138 -11.40 -13.74 2.24
N LEU F 139 -11.17 -14.55 1.21
CA LEU F 139 -11.45 -16.00 1.26
C LEU F 139 -10.15 -16.68 1.67
N ASN F 140 -10.06 -17.13 2.93
CA ASN F 140 -8.78 -17.65 3.42
C ASN F 140 -8.77 -19.15 3.75
N GLU F 141 -9.89 -19.84 3.67
CA GLU F 141 -9.86 -21.29 3.86
C GLU F 141 -10.80 -21.95 2.88
N ILE F 142 -10.29 -22.95 2.17
CA ILE F 142 -11.07 -23.84 1.33
C ILE F 142 -10.74 -25.26 1.77
N HIS F 143 -11.75 -26.03 2.16
CA HIS F 143 -11.57 -27.43 2.55
C HIS F 143 -12.69 -28.24 1.94
N ILE F 144 -12.35 -29.12 1.01
CA ILE F 144 -13.30 -30.10 0.46
C ILE F 144 -12.81 -31.48 0.88
N LYS F 145 -13.63 -32.19 1.64
CA LYS F 145 -13.26 -33.45 2.27
C LYS F 145 -13.98 -34.59 1.56
N LYS F 146 -13.22 -35.58 1.09
CA LYS F 146 -13.83 -36.68 0.36
C LYS F 146 -14.15 -37.84 1.30
N VAL F 147 -15.22 -38.57 0.97
CA VAL F 147 -15.55 -39.78 1.71
C VAL F 147 -14.39 -40.76 1.59
N THR F 148 -13.88 -41.22 2.74
CA THR F 148 -12.81 -42.21 2.78
C THR F 148 -13.44 -43.58 3.05
N SER F 149 -13.37 -44.47 2.06
CA SER F 149 -13.98 -45.79 2.15
C SER F 149 -13.16 -46.79 1.34
C1 BTB G . 8.94 -27.40 21.02
O1 BTB G . 9.43 -28.38 20.09
C2 BTB G . 8.72 -26.04 20.33
C3 BTB G . 8.14 -26.21 18.92
O3 BTB G . 6.82 -26.74 18.90
C4 BTB G . 10.06 -25.31 20.18
O4 BTB G . 10.98 -25.66 21.23
N BTB G . 7.81 -25.22 21.20
C5 BTB G . 8.34 -25.05 22.57
C6 BTB G . 7.34 -25.44 23.69
O6 BTB G . 6.98 -26.82 23.60
C7 BTB G . 7.65 -23.86 20.63
C8 BTB G . 6.47 -23.18 21.34
O8 BTB G . 5.73 -22.37 20.44
C1 BTB H . -36.37 18.75 13.67
O1 BTB H . -37.13 19.60 14.56
C2 BTB H . -37.03 18.53 12.28
C3 BTB H . -36.04 17.65 11.54
O3 BTB H . -36.42 17.57 10.15
C4 BTB H . -37.25 19.84 11.55
O4 BTB H . -36.02 20.58 11.48
N BTB H . -38.25 17.64 12.27
C5 BTB H . -38.35 16.85 13.51
C6 BTB H . -39.73 16.17 13.68
O6 BTB H . -39.91 15.82 15.08
C7 BTB H . -39.56 18.26 12.11
C8 BTB H . -40.24 18.52 10.80
O8 BTB H . -40.61 19.89 11.08
C1 BTB I . -21.45 -21.33 -14.94
O1 BTB I . -21.23 -22.24 -13.83
C2 BTB I . -20.48 -20.16 -14.96
C3 BTB I . -19.04 -20.62 -14.82
O3 BTB I . -18.67 -21.47 -15.91
C4 BTB I . -20.79 -19.19 -13.81
O4 BTB I . -22.18 -19.28 -13.45
N BTB I . -20.65 -19.48 -16.28
C5 BTB I . -22.08 -19.11 -16.50
C6 BTB I . -22.63 -19.57 -17.86
O6 BTB I . -22.67 -20.99 -17.98
C7 BTB I . -19.82 -18.27 -16.38
C8 BTB I . -19.87 -17.68 -17.80
O8 BTB I . -18.55 -17.39 -18.24
#